data_8F6D
#
_entry.id   8F6D
#
_cell.length_a   66.018
_cell.length_b   73.323
_cell.length_c   79.327
_cell.angle_alpha   94.353
_cell.angle_beta   95.500
_cell.angle_gamma   115.330
#
_symmetry.space_group_name_H-M   'P 1'
#
loop_
_entity.id
_entity.type
_entity.pdbx_description
1 polymer 'Metal transporter CNNM2'
2 polymer 'ADP-ribosylation factor-like protein 15'
#
loop_
_entity_poly.entity_id
_entity_poly.type
_entity_poly.pdbx_seq_one_letter_code
_entity_poly.pdbx_strand_id
1 'polypeptide(L)'
;KEELNIIQGALELRTKTVEDVMTPLRDCFMITGEAILDFNTMSEIMESGYTRIPVFEGERSNIVDLLFVKDLAFVDPDDC
TPLKTITKFYNHPLHFVFNDTKLDAMLEEFKKGKSHLAIVQRVNNEGEGDPFYEVLGIVTLEDVIEEIIKSEILDE
;
A,C,E,G
2 'polypeptide(L)'
;MEYDLVCIGLTGSGKTSLLSKLCSESPDNVVSTTGFSIKAVPFQNAILNVKELGGADNIRKYWSRYYQGSQGVIFVLDSA
SSEDDLEAARNELHSALQHPQLCTLPFLILANHQDKPAARSVQEIKKYFELEPLARGKRWILQPCSLDDMDALKDSFSQL
INLLEEKHHHHHH
;
B,D,F,H
#
# COMPACT_ATOMS: atom_id res chain seq x y z
N LYS A 1 -10.77 5.29 -10.40
CA LYS A 1 -11.25 4.64 -9.18
C LYS A 1 -10.18 4.61 -8.10
N GLU A 2 -10.11 3.50 -7.37
CA GLU A 2 -9.16 3.40 -6.27
C GLU A 2 -7.75 3.19 -6.77
N GLU A 3 -7.59 2.35 -7.82
CA GLU A 3 -6.30 2.18 -8.45
C GLU A 3 -5.72 3.51 -8.90
N LEU A 4 -6.57 4.48 -9.25
CA LEU A 4 -6.10 5.80 -9.63
C LEU A 4 -5.42 6.49 -8.45
N ASN A 5 -6.04 6.44 -7.27
CA ASN A 5 -5.42 7.00 -6.07
C ASN A 5 -4.13 6.26 -5.72
N ILE A 6 -4.12 4.95 -5.91
CA ILE A 6 -2.91 4.15 -5.65
C ILE A 6 -1.76 4.63 -6.53
N ILE A 7 -2.01 4.75 -7.83
CA ILE A 7 -0.95 5.13 -8.76
C ILE A 7 -0.51 6.57 -8.51
N GLN A 8 -1.46 7.46 -8.20
CA GLN A 8 -1.11 8.85 -7.93
C GLN A 8 -0.22 8.94 -6.70
N GLY A 9 -0.58 8.24 -5.63
CA GLY A 9 0.25 8.26 -4.44
C GLY A 9 1.64 7.68 -4.68
N ALA A 10 1.71 6.55 -5.39
CA ALA A 10 3.01 5.98 -5.72
C ALA A 10 3.86 6.96 -6.52
N LEU A 11 3.26 7.67 -7.47
CA LEU A 11 4.00 8.67 -8.23
C LEU A 11 4.47 9.82 -7.34
N GLU A 12 3.60 10.28 -6.44
CA GLU A 12 3.97 11.37 -5.53
C GLU A 12 5.13 10.96 -4.63
N LEU A 13 5.13 9.72 -4.16
CA LEU A 13 6.22 9.24 -3.31
C LEU A 13 7.51 9.08 -4.11
N ARG A 14 7.41 8.52 -5.31
CA ARG A 14 8.62 8.31 -6.11
C ARG A 14 9.26 9.63 -6.52
N THR A 15 8.44 10.64 -6.85
CA THR A 15 8.99 11.94 -7.20
C THR A 15 9.54 12.68 -5.99
N LYS A 16 8.98 12.45 -4.81
CA LYS A 16 9.33 13.24 -3.64
C LYS A 16 10.74 12.92 -3.16
N THR A 17 11.47 13.95 -2.77
CA THR A 17 12.80 13.81 -2.20
C THR A 17 12.79 14.22 -0.73
N VAL A 18 13.90 13.94 -0.05
CA VAL A 18 14.03 14.33 1.35
C VAL A 18 14.04 15.84 1.49
N GLU A 19 14.56 16.55 0.49
CA GLU A 19 14.56 18.01 0.52
C GLU A 19 13.15 18.58 0.55
N ASP A 20 12.19 17.88 -0.07
CA ASP A 20 10.81 18.37 -0.11
C ASP A 20 10.15 18.33 1.26
N VAL A 21 10.36 17.24 2.01
CA VAL A 21 9.66 17.04 3.27
C VAL A 21 10.47 17.46 4.48
N MET A 22 11.75 17.81 4.32
CA MET A 22 12.56 18.21 5.45
C MET A 22 12.05 19.52 6.04
N THR A 23 12.43 19.76 7.29
CA THR A 23 12.21 21.05 7.91
C THR A 23 13.45 21.91 7.70
N PRO A 24 13.35 23.05 7.01
CA PRO A 24 14.54 23.88 6.75
C PRO A 24 15.12 24.41 8.05
N LEU A 25 16.40 24.81 7.97
CA LEU A 25 17.13 25.17 9.18
C LEU A 25 16.48 26.33 9.92
N ARG A 26 15.81 27.24 9.20
CA ARG A 26 15.19 28.39 9.85
C ARG A 26 14.06 27.96 10.80
N ASP A 27 13.38 26.87 10.50
CA ASP A 27 12.31 26.35 11.33
C ASP A 27 12.78 25.35 12.38
N CYS A 28 14.01 24.86 12.27
CA CYS A 28 14.49 23.81 13.17
C CYS A 28 14.78 24.37 14.56
N PHE A 29 14.24 23.73 15.58
CA PHE A 29 14.54 24.09 16.96
C PHE A 29 15.89 23.48 17.33
N MET A 30 16.86 24.33 17.64
CA MET A 30 18.22 23.91 17.94
C MET A 30 18.64 24.50 19.28
N ILE A 31 19.90 24.25 19.65
CA ILE A 31 20.45 24.75 20.90
C ILE A 31 21.97 24.81 20.75
N THR A 32 22.56 25.83 21.36
CA THR A 32 23.99 26.06 21.23
C THR A 32 24.77 25.16 22.18
N GLY A 33 26.03 24.92 21.83
CA GLY A 33 26.90 24.11 22.67
C GLY A 33 27.19 24.74 24.02
N GLU A 34 27.19 26.06 24.09
CA GLU A 34 27.52 26.79 25.32
C GLU A 34 26.38 26.79 26.33
N ALA A 35 25.21 26.24 25.97
CA ALA A 35 24.04 26.31 26.83
C ALA A 35 24.24 25.51 28.11
N ILE A 36 23.50 25.89 29.15
CA ILE A 36 23.51 25.20 30.44
C ILE A 36 22.11 24.68 30.72
N LEU A 37 22.04 23.41 31.14
CA LEU A 37 20.75 22.73 31.34
C LEU A 37 20.18 23.06 32.72
N ASP A 38 19.90 24.35 32.92
CA ASP A 38 19.26 24.85 34.12
C ASP A 38 17.73 24.73 34.00
N PHE A 39 17.03 25.16 35.05
CA PHE A 39 15.58 25.02 35.11
C PHE A 39 14.87 25.70 33.93
N ASN A 40 15.33 26.89 33.54
CA ASN A 40 14.66 27.63 32.47
C ASN A 40 14.83 26.93 31.11
N THR A 41 16.05 26.48 30.82
CA THR A 41 16.33 25.84 29.54
C THR A 41 15.54 24.55 29.40
N MET A 42 15.41 23.79 30.50
CA MET A 42 14.63 22.56 30.43
C MET A 42 13.17 22.83 30.13
N SER A 43 12.62 23.94 30.63
CA SER A 43 11.26 24.28 30.27
C SER A 43 11.16 24.56 28.78
N GLU A 44 12.12 25.33 28.26
CA GLU A 44 12.09 25.64 26.84
C GLU A 44 12.23 24.39 25.99
N ILE A 45 13.07 23.45 26.43
CA ILE A 45 13.28 22.21 25.69
C ILE A 45 12.04 21.32 25.73
N MET A 46 11.49 21.11 26.94
CA MET A 46 10.36 20.22 27.11
C MET A 46 9.08 20.77 26.50
N GLU A 47 9.02 22.07 26.21
CA GLU A 47 7.79 22.60 25.65
C GLU A 47 7.72 22.44 24.14
N SER A 48 8.86 22.38 23.44
CA SER A 48 8.85 22.30 21.99
C SER A 48 8.32 20.97 21.47
N GLY A 49 8.30 19.93 22.29
CA GLY A 49 7.81 18.63 21.88
C GLY A 49 8.77 17.78 21.06
N TYR A 50 9.82 18.38 20.49
CA TYR A 50 10.80 17.60 19.74
C TYR A 50 11.56 16.66 20.67
N THR A 51 11.68 15.39 20.26
CA THR A 51 12.37 14.41 21.08
C THR A 51 13.88 14.46 20.91
N ARG A 52 14.35 14.93 19.75
CA ARG A 52 15.78 15.03 19.47
C ARG A 52 16.07 16.41 18.92
N ILE A 53 17.02 17.11 19.54
CA ILE A 53 17.32 18.50 19.24
C ILE A 53 18.77 18.57 18.76
N PRO A 54 19.04 19.13 17.58
CA PRO A 54 20.43 19.31 17.17
C PRO A 54 21.13 20.36 18.03
N VAL A 55 22.39 20.09 18.37
CA VAL A 55 23.21 20.95 19.20
C VAL A 55 24.36 21.45 18.36
N PHE A 56 24.44 22.77 18.18
CA PHE A 56 25.44 23.39 17.32
C PHE A 56 26.44 24.16 18.17
N GLU A 57 27.50 24.64 17.52
CA GLU A 57 28.55 25.42 18.19
C GLU A 57 28.98 26.52 17.23
N GLY A 58 28.74 27.77 17.63
CA GLY A 58 29.13 28.90 16.81
C GLY A 58 28.04 29.34 15.85
N GLU A 59 27.69 28.49 14.89
CA GLU A 59 26.69 28.81 13.89
C GLU A 59 25.64 27.70 13.86
N ARG A 60 24.42 28.07 13.45
CA ARG A 60 23.35 27.09 13.36
C ARG A 60 23.61 26.06 12.26
N SER A 61 24.50 26.37 11.32
CA SER A 61 24.88 25.44 10.26
C SER A 61 26.04 24.54 10.67
N ASN A 62 26.56 24.71 11.88
CA ASN A 62 27.66 23.91 12.39
C ASN A 62 27.12 23.02 13.51
N ILE A 63 26.58 21.87 13.12
CA ILE A 63 25.95 20.97 14.08
C ILE A 63 27.01 20.00 14.58
N VAL A 64 27.13 19.88 15.90
CA VAL A 64 28.18 19.07 16.49
C VAL A 64 27.66 17.93 17.36
N ASP A 65 26.41 17.96 17.82
CA ASP A 65 25.91 16.90 18.69
C ASP A 65 24.39 16.81 18.57
N LEU A 66 23.83 15.82 19.27
CA LEU A 66 22.40 15.59 19.34
C LEU A 66 21.98 15.51 20.80
N LEU A 67 20.78 16.02 21.10
CA LEU A 67 20.24 16.01 22.45
C LEU A 67 18.98 15.15 22.46
N PHE A 68 18.93 14.20 23.38
CA PHE A 68 17.78 13.32 23.53
C PHE A 68 16.96 13.76 24.74
N VAL A 69 15.64 13.85 24.56
CA VAL A 69 14.78 14.28 25.66
C VAL A 69 14.73 13.22 26.76
N LYS A 70 14.83 11.94 26.40
CA LYS A 70 14.84 10.89 27.42
C LYS A 70 16.02 11.05 28.36
N ASP A 71 17.12 11.64 27.88
CA ASP A 71 18.30 11.89 28.71
C ASP A 71 18.06 12.97 29.76
N LEU A 72 16.97 13.73 29.65
CA LEU A 72 16.69 14.82 30.59
C LEU A 72 15.64 14.45 31.64
N ALA A 73 15.39 13.16 31.83
CA ALA A 73 14.42 12.70 32.82
C ALA A 73 15.02 12.58 34.20
N PHE A 74 16.33 12.37 34.27
CA PHE A 74 17.05 12.13 35.51
C PHE A 74 17.85 13.33 36.00
N VAL A 75 17.79 14.44 35.32
CA VAL A 75 18.58 15.62 35.63
C VAL A 75 17.86 16.49 36.65
N ASP A 76 18.62 17.12 37.54
CA ASP A 76 17.87 18.04 38.38
C ASP A 76 18.11 19.47 37.90
N PRO A 77 17.07 20.32 37.90
CA PRO A 77 17.21 21.67 37.35
C PRO A 77 17.94 22.67 38.23
N ASP A 78 18.22 22.32 39.48
CA ASP A 78 18.88 23.25 40.39
C ASP A 78 20.39 23.20 40.29
N ASP A 79 20.96 22.05 39.91
CA ASP A 79 22.41 21.91 39.85
C ASP A 79 23.01 22.71 38.69
N CYS A 80 22.19 23.15 37.74
CA CYS A 80 22.64 23.92 36.58
C CYS A 80 23.76 23.22 35.82
N THR A 81 23.51 21.97 35.48
CA THR A 81 24.50 21.18 34.74
C THR A 81 24.67 21.77 33.34
N PRO A 82 25.89 21.98 32.88
CA PRO A 82 26.08 22.46 31.49
C PRO A 82 25.71 21.38 30.49
N LEU A 83 25.32 21.84 29.30
CA LEU A 83 24.95 20.89 28.24
C LEU A 83 26.14 20.05 27.83
N LYS A 84 27.36 20.59 27.94
CA LYS A 84 28.54 19.88 27.49
C LYS A 84 28.71 18.55 28.23
N THR A 85 28.32 18.50 29.51
CA THR A 85 28.43 17.25 30.26
C THR A 85 27.59 16.15 29.62
N ILE A 86 26.32 16.43 29.37
CA ILE A 86 25.42 15.42 28.82
C ILE A 86 25.84 15.07 27.39
N THR A 87 26.21 16.08 26.59
CA THR A 87 26.57 15.80 25.20
C THR A 87 27.83 14.96 25.11
N LYS A 88 28.86 15.32 25.88
CA LYS A 88 30.10 14.54 25.88
C LYS A 88 29.90 13.15 26.45
N PHE A 89 28.99 12.99 27.42
CA PHE A 89 28.77 11.66 27.99
C PHE A 89 28.04 10.75 27.01
N TYR A 90 26.89 11.19 26.51
CA TYR A 90 26.07 10.31 25.67
C TYR A 90 26.68 10.15 24.28
N ASN A 91 27.06 11.26 23.64
CA ASN A 91 27.76 11.25 22.35
C ASN A 91 27.00 10.46 21.29
N HIS A 92 25.75 10.87 21.06
CA HIS A 92 24.92 10.19 20.07
C HIS A 92 25.47 10.39 18.67
N PRO A 93 25.29 9.42 17.78
CA PRO A 93 25.77 9.55 16.41
C PRO A 93 25.04 10.65 15.65
N LEU A 94 25.73 11.22 14.67
CA LEU A 94 25.20 12.29 13.83
C LEU A 94 25.00 11.76 12.41
N HIS A 95 23.77 11.83 11.93
CA HIS A 95 23.38 11.33 10.62
C HIS A 95 23.39 12.47 9.62
N PHE A 96 24.11 12.31 8.53
CA PHE A 96 24.14 13.30 7.46
C PHE A 96 23.71 12.65 6.16
N VAL A 97 22.73 13.26 5.49
CA VAL A 97 22.22 12.76 4.21
C VAL A 97 22.13 13.91 3.23
N PHE A 98 22.36 13.59 1.95
CA PHE A 98 22.32 14.63 0.93
C PHE A 98 20.89 14.99 0.56
N ASN A 99 20.73 16.19 0.00
CA ASN A 99 19.41 16.68 -0.36
C ASN A 99 18.79 15.88 -1.49
N ASP A 100 19.61 15.35 -2.39
CA ASP A 100 19.13 14.59 -3.53
C ASP A 100 18.70 13.18 -3.17
N THR A 101 19.03 12.71 -1.96
CA THR A 101 18.65 11.38 -1.52
C THR A 101 17.13 11.21 -1.57
N LYS A 102 16.69 10.07 -2.05
CA LYS A 102 15.28 9.82 -2.28
C LYS A 102 14.63 9.23 -1.02
N LEU A 103 13.29 9.23 -1.03
CA LEU A 103 12.53 8.75 0.12
C LEU A 103 12.87 7.31 0.47
N ASP A 104 12.99 6.45 -0.54
CA ASP A 104 13.23 5.03 -0.30
C ASP A 104 14.60 4.79 0.35
N ALA A 105 15.65 5.42 -0.17
CA ALA A 105 16.99 5.18 0.38
C ALA A 105 17.12 5.74 1.79
N MET A 106 16.68 6.98 2.00
CA MET A 106 16.70 7.58 3.33
C MET A 106 15.87 6.75 4.30
N LEU A 107 14.74 6.23 3.83
CA LEU A 107 13.89 5.39 4.65
C LEU A 107 14.59 4.07 5.00
N GLU A 108 15.36 3.53 4.05
CA GLU A 108 16.16 2.34 4.31
C GLU A 108 17.23 2.60 5.37
N GLU A 109 17.79 3.81 5.39
CA GLU A 109 18.81 4.11 6.39
C GLU A 109 18.25 4.08 7.81
N PHE A 110 16.97 4.41 7.98
CA PHE A 110 16.35 4.35 9.30
C PHE A 110 15.94 2.95 9.73
N LYS A 111 15.89 1.99 8.81
CA LYS A 111 15.28 0.70 9.09
C LYS A 111 15.98 -0.02 10.25
N LYS A 112 17.26 0.28 10.50
CA LYS A 112 17.98 -0.41 11.57
C LYS A 112 17.52 0.04 12.94
N GLY A 113 16.84 1.18 13.04
CA GLY A 113 16.37 1.70 14.31
C GLY A 113 17.44 2.31 15.18
N LYS A 114 18.66 2.44 14.67
CA LYS A 114 19.74 3.08 15.42
C LYS A 114 19.68 4.61 15.36
N SER A 115 18.84 5.18 14.50
CA SER A 115 18.71 6.62 14.41
C SER A 115 17.34 7.00 13.90
N HIS A 116 16.92 8.22 14.22
CA HIS A 116 15.63 8.74 13.81
C HIS A 116 15.69 10.15 13.22
N LEU A 117 16.83 10.84 13.32
CA LEU A 117 16.96 12.20 12.81
C LEU A 117 18.25 12.32 12.01
N ALA A 118 18.14 12.87 10.81
CA ALA A 118 19.27 13.15 9.93
C ALA A 118 19.30 14.62 9.56
N ILE A 119 20.49 15.07 9.13
CA ILE A 119 20.71 16.45 8.71
C ILE A 119 20.88 16.45 7.20
N VAL A 120 20.06 17.24 6.52
CA VAL A 120 20.13 17.34 5.06
C VAL A 120 21.19 18.36 4.67
N GLN A 121 22.19 17.91 3.92
CA GLN A 121 23.23 18.79 3.41
C GLN A 121 23.22 18.80 1.89
N ARG A 122 23.63 19.93 1.32
CA ARG A 122 23.65 20.15 -0.12
C ARG A 122 25.07 20.37 -0.60
N VAL A 123 25.35 19.91 -1.82
CA VAL A 123 26.66 20.12 -2.45
C VAL A 123 26.62 21.50 -3.10
N ASN A 124 27.18 22.49 -2.41
CA ASN A 124 27.06 23.89 -2.79
C ASN A 124 28.21 24.32 -3.69
N ASN A 125 27.93 25.31 -4.54
CA ASN A 125 28.92 25.91 -5.43
C ASN A 125 28.40 27.22 -6.02
N GLU A 128 35.25 30.58 -8.55
CA GLU A 128 34.40 30.99 -7.44
C GLU A 128 35.13 30.81 -6.11
N GLY A 129 34.57 29.93 -5.28
CA GLY A 129 35.26 29.47 -4.10
C GLY A 129 35.23 27.96 -4.03
N ASP A 130 36.06 27.41 -3.14
CA ASP A 130 36.10 25.96 -2.99
C ASP A 130 34.73 25.46 -2.53
N PRO A 131 34.12 24.51 -3.24
CA PRO A 131 32.79 24.04 -2.85
C PRO A 131 32.82 23.33 -1.50
N PHE A 132 31.65 23.26 -0.87
CA PHE A 132 31.54 22.72 0.46
C PHE A 132 30.15 22.11 0.66
N TYR A 133 29.97 21.47 1.81
CA TYR A 133 28.67 20.97 2.23
C TYR A 133 27.89 22.10 2.90
N GLU A 134 26.64 22.27 2.50
CA GLU A 134 25.78 23.31 3.03
C GLU A 134 24.62 22.66 3.76
N VAL A 135 24.40 23.04 5.01
CA VAL A 135 23.33 22.46 5.82
C VAL A 135 22.02 23.14 5.46
N LEU A 136 21.03 22.34 5.08
CA LEU A 136 19.71 22.85 4.72
C LEU A 136 18.67 22.70 5.82
N GLY A 137 18.66 21.57 6.52
CA GLY A 137 17.63 21.33 7.51
C GLY A 137 17.79 19.99 8.16
N ILE A 138 16.73 19.55 8.83
CA ILE A 138 16.70 18.24 9.46
C ILE A 138 15.49 17.47 8.95
N VAL A 139 15.62 16.15 8.96
CA VAL A 139 14.56 15.24 8.53
C VAL A 139 14.48 14.11 9.54
N THR A 140 13.26 13.60 9.76
CA THR A 140 13.03 12.56 10.74
C THR A 140 12.27 11.40 10.10
N LEU A 141 12.34 10.25 10.79
CA LEU A 141 11.53 9.11 10.42
C LEU A 141 10.04 9.47 10.46
N GLU A 142 9.66 10.30 11.44
CA GLU A 142 8.27 10.74 11.54
C GLU A 142 7.83 11.47 10.27
N ASP A 143 8.72 12.28 9.68
CA ASP A 143 8.33 13.04 8.50
C ASP A 143 8.02 12.12 7.33
N VAL A 144 8.89 11.14 7.07
CA VAL A 144 8.66 10.23 5.96
C VAL A 144 7.41 9.38 6.20
N ILE A 145 7.18 8.94 7.45
CA ILE A 145 6.00 8.13 7.71
C ILE A 145 4.73 8.98 7.56
N GLU A 146 4.79 10.24 8.00
CA GLU A 146 3.65 11.14 7.83
C GLU A 146 3.37 11.37 6.35
N GLU A 147 4.42 11.47 5.54
CA GLU A 147 4.22 11.60 4.10
C GLU A 147 3.57 10.35 3.51
N ILE A 148 4.02 9.17 3.95
CA ILE A 148 3.47 7.93 3.40
C ILE A 148 2.01 7.76 3.78
N ILE A 149 1.65 8.09 5.03
CA ILE A 149 0.24 7.95 5.41
C ILE A 149 -0.58 9.06 4.77
N LYS A 150 0.02 10.23 4.59
CA LYS A 150 -0.65 11.34 3.92
C LYS A 150 -0.98 10.99 2.48
N SER A 151 -0.21 10.08 1.87
CA SER A 151 -0.51 9.63 0.53
C SER A 151 -1.72 8.69 0.48
N GLU A 152 -2.23 8.28 1.66
CA GLU A 152 -3.39 7.38 1.79
C GLU A 152 -3.30 6.15 0.91
N ILE A 153 -2.09 5.64 0.65
CA ILE A 153 -1.95 4.40 -0.12
C ILE A 153 -2.54 3.23 0.65
N LEU A 154 -2.06 3.00 1.87
CA LEU A 154 -2.54 1.90 2.69
C LEU A 154 -4.04 2.05 3.00
N ASP A 155 -4.62 0.97 3.53
CA ASP A 155 -6.05 0.82 3.81
C ASP A 155 -6.90 0.93 2.56
N TYR B 3 33.75 0.53 -5.63
CA TYR B 3 33.55 0.28 -4.20
C TYR B 3 34.03 1.46 -3.38
N ASP B 4 33.09 2.12 -2.70
CA ASP B 4 33.39 3.31 -1.92
C ASP B 4 33.71 2.91 -0.48
N LEU B 5 34.90 3.28 -0.02
CA LEU B 5 35.37 2.97 1.31
C LEU B 5 35.81 4.27 1.98
N VAL B 6 35.86 4.26 3.30
CA VAL B 6 36.28 5.43 4.08
C VAL B 6 37.38 5.00 5.04
N CYS B 7 38.37 5.87 5.22
CA CYS B 7 39.47 5.62 6.14
C CYS B 7 39.53 6.76 7.14
N ILE B 8 39.39 6.43 8.43
CA ILE B 8 39.47 7.40 9.49
C ILE B 8 40.50 6.91 10.50
N GLY B 9 41.37 7.80 10.95
CA GLY B 9 42.40 7.40 11.88
C GLY B 9 43.15 8.58 12.43
N LEU B 10 43.97 8.31 13.44
CA LEU B 10 44.84 9.34 13.97
C LEU B 10 45.94 9.59 12.95
N THR B 11 46.56 10.77 13.04
CA THR B 11 47.55 11.20 12.06
C THR B 11 46.92 11.14 10.68
N GLY B 12 46.04 12.10 10.38
CA GLY B 12 45.31 12.08 9.12
C GLY B 12 46.22 12.18 7.91
N SER B 13 47.22 13.06 7.98
CA SER B 13 48.19 13.11 6.89
C SER B 13 49.10 11.89 6.91
N GLY B 14 49.40 11.36 8.10
CA GLY B 14 50.17 10.13 8.18
C GLY B 14 49.43 8.97 7.54
N LYS B 15 48.12 8.88 7.80
CA LYS B 15 47.31 7.83 7.19
C LYS B 15 47.20 8.04 5.68
N THR B 16 47.10 9.31 5.25
CA THR B 16 47.01 9.53 3.81
C THR B 16 48.35 9.26 3.14
N SER B 17 49.45 9.36 3.89
CA SER B 17 50.74 8.95 3.37
C SER B 17 50.84 7.44 3.26
N LEU B 18 50.30 6.73 4.26
CA LEU B 18 50.26 5.27 4.19
C LEU B 18 49.40 4.81 3.01
N LEU B 19 48.34 5.56 2.71
CA LEU B 19 47.48 5.23 1.58
C LEU B 19 48.19 5.56 0.26
N SER B 20 48.93 6.66 0.22
CA SER B 20 49.68 7.01 -0.98
C SER B 20 50.80 6.01 -1.25
N LYS B 21 51.31 5.36 -0.21
CA LYS B 21 52.28 4.29 -0.41
C LYS B 21 51.69 3.15 -1.23
N LEU B 22 50.37 2.96 -1.15
CA LEU B 22 49.72 1.90 -1.92
C LEU B 22 49.52 2.28 -3.38
N CYS B 23 49.37 3.57 -3.67
CA CYS B 23 49.17 4.05 -5.03
C CYS B 23 50.48 4.31 -5.76
N SER B 24 51.60 3.85 -5.21
CA SER B 24 52.93 4.03 -5.80
C SER B 24 53.23 5.50 -6.07
N THR B 33 44.31 15.57 1.86
CA THR B 33 43.98 15.20 3.22
C THR B 33 43.17 16.31 3.91
N THR B 34 42.75 16.05 5.15
CA THR B 34 41.84 16.93 5.89
C THR B 34 40.56 17.19 5.10
N GLY B 35 40.00 16.12 4.55
CA GLY B 35 38.78 16.23 3.77
C GLY B 35 38.65 15.05 2.82
N PHE B 36 37.77 15.21 1.84
CA PHE B 36 37.54 14.16 0.86
C PHE B 36 38.78 13.98 -0.01
N SER B 37 39.26 12.75 -0.11
CA SER B 37 40.44 12.44 -0.89
C SER B 37 40.06 11.78 -2.22
N LEU B 48 37.50 0.04 -5.75
CA LEU B 48 38.13 0.63 -4.57
C LEU B 48 38.25 2.14 -4.70
N ASN B 49 37.37 2.86 -4.00
CA ASN B 49 37.37 4.32 -3.96
C ASN B 49 37.49 4.71 -2.49
N VAL B 50 38.73 4.84 -2.01
CA VAL B 50 38.99 5.06 -0.60
C VAL B 50 39.10 6.56 -0.34
N LYS B 51 38.23 7.09 0.51
CA LYS B 51 38.27 8.48 0.93
C LYS B 51 38.90 8.56 2.32
N GLU B 52 40.05 9.21 2.41
CA GLU B 52 40.78 9.35 3.67
C GLU B 52 40.45 10.68 4.30
N LEU B 53 39.88 10.66 5.50
CA LEU B 53 39.52 11.87 6.21
C LEU B 53 40.66 12.30 7.13
N GLY B 54 40.69 13.60 7.43
CA GLY B 54 41.73 14.14 8.28
C GLY B 54 41.63 13.63 9.70
N GLY B 55 42.78 13.62 10.38
CA GLY B 55 42.88 13.17 11.76
C GLY B 55 42.99 14.27 12.79
N ALA B 56 42.88 15.54 12.39
CA ALA B 56 42.96 16.64 13.34
C ALA B 56 41.76 16.62 14.28
N ASP B 57 41.95 17.22 15.46
CA ASP B 57 40.93 17.19 16.50
C ASP B 57 39.64 17.85 16.04
N ASN B 58 39.73 19.01 15.39
CA ASN B 58 38.53 19.71 14.94
C ASN B 58 37.78 18.92 13.87
N ILE B 59 38.51 18.29 12.95
CA ILE B 59 37.89 17.56 11.85
C ILE B 59 37.26 16.24 12.30
N ARG B 60 37.69 15.70 13.45
CA ARG B 60 37.10 14.46 13.94
C ARG B 60 35.61 14.62 14.22
N LYS B 61 35.20 15.77 14.75
CA LYS B 61 33.78 16.01 15.00
C LYS B 61 32.97 16.11 13.70
N TYR B 62 33.58 16.62 12.64
CA TYR B 62 32.90 16.77 11.36
C TYR B 62 33.07 15.57 10.44
N TRP B 63 33.79 14.54 10.90
CA TRP B 63 33.97 13.31 10.13
C TRP B 63 32.65 12.80 9.57
N SER B 64 31.60 12.78 10.40
CA SER B 64 30.33 12.15 10.07
C SER B 64 29.61 12.80 8.89
N ARG B 65 30.14 13.91 8.38
CA ARG B 65 29.53 14.58 7.24
C ARG B 65 29.75 13.84 5.93
N TYR B 66 30.72 12.91 5.89
CA TYR B 66 31.12 12.26 4.65
C TYR B 66 30.77 10.78 4.59
N TYR B 67 30.24 10.19 5.66
CA TYR B 67 30.10 8.74 5.73
C TYR B 67 29.09 8.19 4.72
N GLN B 68 28.23 9.01 4.13
CA GLN B 68 27.16 8.46 3.31
C GLN B 68 27.72 7.80 2.05
N GLY B 69 27.02 6.77 1.60
CA GLY B 69 27.43 6.02 0.43
C GLY B 69 28.78 5.33 0.62
N SER B 70 28.93 4.59 1.71
CA SER B 70 30.14 3.82 2.02
C SER B 70 29.78 2.36 2.12
N GLN B 71 30.71 1.49 1.72
CA GLN B 71 30.52 0.06 1.82
C GLN B 71 31.51 -0.61 2.76
N GLY B 72 32.45 0.13 3.30
CA GLY B 72 33.42 -0.41 4.24
C GLY B 72 34.31 0.70 4.74
N VAL B 73 34.90 0.44 5.91
CA VAL B 73 35.76 1.42 6.57
C VAL B 73 37.11 0.77 6.86
N ILE B 74 38.15 1.59 6.84
CA ILE B 74 39.50 1.17 7.20
C ILE B 74 39.90 2.06 8.36
N PHE B 75 39.85 1.53 9.58
CA PHE B 75 40.19 2.31 10.77
C PHE B 75 41.65 2.09 11.13
N VAL B 76 42.39 3.20 11.24
CA VAL B 76 43.80 3.19 11.55
C VAL B 76 43.98 3.81 12.93
N LEU B 77 44.77 3.15 13.78
CA LEU B 77 45.09 3.67 15.10
C LEU B 77 46.58 3.55 15.35
N ASP B 78 47.15 4.58 15.96
CA ASP B 78 48.57 4.58 16.33
C ASP B 78 48.71 3.85 17.66
N SER B 79 49.12 2.58 17.59
CA SER B 79 49.29 1.81 18.82
C SER B 79 50.49 2.27 19.64
N ALA B 80 51.48 2.87 18.97
CA ALA B 80 52.67 3.38 19.64
C ALA B 80 52.45 4.74 20.29
N SER B 81 51.33 5.41 19.97
CA SER B 81 51.06 6.75 20.42
C SER B 81 50.85 6.77 21.94
N SER B 82 50.73 7.99 22.48
CA SER B 82 50.56 8.15 23.91
C SER B 82 49.22 7.58 24.36
N GLU B 83 49.08 7.39 25.68
CA GLU B 83 47.88 6.77 26.22
C GLU B 83 46.63 7.57 25.92
N ASP B 84 46.72 8.90 25.98
CA ASP B 84 45.56 9.73 25.67
C ASP B 84 45.17 9.63 24.19
N ASP B 85 46.15 9.61 23.28
CA ASP B 85 45.84 9.44 21.87
C ASP B 85 45.21 8.07 21.62
N LEU B 86 45.68 7.04 22.32
CA LEU B 86 45.05 5.73 22.20
C LEU B 86 43.63 5.77 22.73
N GLU B 87 43.39 6.56 23.79
CA GLU B 87 42.03 6.72 24.31
C GLU B 87 41.13 7.37 23.26
N ALA B 88 41.65 8.40 22.59
CA ALA B 88 40.91 9.04 21.51
C ALA B 88 40.62 8.06 20.37
N ALA B 89 41.59 7.20 20.04
CA ALA B 89 41.38 6.23 18.98
C ALA B 89 40.29 5.22 19.37
N ARG B 90 40.31 4.78 20.63
CA ARG B 90 39.28 3.85 21.10
C ARG B 90 37.90 4.49 21.05
N ASN B 91 37.80 5.75 21.50
CA ASN B 91 36.52 6.44 21.46
C ASN B 91 36.03 6.64 20.03
N GLU B 92 36.93 6.97 19.11
CA GLU B 92 36.54 7.18 17.72
C GLU B 92 36.07 5.88 17.09
N LEU B 93 36.78 4.77 17.33
CA LEU B 93 36.33 3.49 16.83
C LEU B 93 34.97 3.11 17.39
N HIS B 94 34.75 3.38 18.69
CA HIS B 94 33.46 3.06 19.29
C HIS B 94 32.35 3.90 18.69
N SER B 95 32.63 5.18 18.40
CA SER B 95 31.63 6.03 17.75
C SER B 95 31.32 5.54 16.34
N ALA B 96 32.34 5.10 15.61
CA ALA B 96 32.13 4.61 14.25
C ALA B 96 31.38 3.28 14.24
N LEU B 97 31.60 2.44 15.26
CA LEU B 97 31.00 1.11 15.29
C LEU B 97 29.47 1.18 15.39
N GLN B 98 28.94 2.15 16.14
CA GLN B 98 27.51 2.26 16.37
C GLN B 98 26.83 3.29 15.48
N HIS B 99 27.53 3.84 14.50
CA HIS B 99 26.90 4.77 13.57
C HIS B 99 25.98 3.99 12.64
N PRO B 100 24.74 4.44 12.43
CA PRO B 100 23.82 3.66 11.59
C PRO B 100 24.29 3.46 10.16
N GLN B 101 25.00 4.43 9.59
CA GLN B 101 25.50 4.27 8.23
C GLN B 101 26.67 3.31 8.15
N LEU B 102 27.30 2.99 9.28
CA LEU B 102 28.49 2.14 9.28
C LEU B 102 28.32 0.85 10.09
N CYS B 103 27.25 0.72 10.87
CA CYS B 103 27.10 -0.44 11.74
C CYS B 103 26.85 -1.72 10.95
N THR B 104 26.13 -1.63 9.83
CA THR B 104 25.84 -2.82 9.03
C THR B 104 26.94 -3.15 8.04
N LEU B 105 27.97 -2.32 7.93
CA LEU B 105 29.01 -2.57 6.96
C LEU B 105 30.19 -3.30 7.60
N PRO B 106 30.94 -4.09 6.83
CA PRO B 106 32.18 -4.66 7.38
C PRO B 106 33.32 -3.67 7.24
N PHE B 107 34.16 -3.59 8.27
CA PHE B 107 35.29 -2.66 8.25
C PHE B 107 36.48 -3.30 8.95
N LEU B 108 37.67 -2.99 8.46
CA LEU B 108 38.92 -3.58 8.96
C LEU B 108 39.74 -2.59 9.77
N ILE B 109 40.37 -3.09 10.82
CA ILE B 109 41.16 -2.28 11.75
C ILE B 109 42.62 -2.64 11.61
N LEU B 110 43.43 -1.65 11.26
CA LEU B 110 44.85 -1.81 11.00
C LEU B 110 45.68 -0.99 11.98
N ASN B 112 49.99 -0.85 12.18
CA ASN B 112 50.19 0.59 12.19
C ASN B 112 51.48 0.96 11.48
N HIS B 113 52.57 1.09 12.23
CA HIS B 113 53.84 1.54 11.68
C HIS B 113 54.68 0.37 11.21
N GLN B 114 55.72 0.69 10.44
CA GLN B 114 56.59 -0.33 9.87
C GLN B 114 57.27 -1.14 10.95
N ASP B 115 57.85 -0.46 11.93
CA ASP B 115 58.54 -1.09 13.05
C ASP B 115 58.03 -0.47 14.34
N LYS B 116 57.72 -1.31 15.32
CA LYS B 116 57.14 -0.85 16.58
C LYS B 116 57.87 -1.53 17.73
N PRO B 117 58.47 -0.76 18.66
CA PRO B 117 58.99 -1.22 19.95
C PRO B 117 58.09 -2.28 20.61
N SER B 121 51.20 -5.47 19.93
CA SER B 121 50.38 -6.05 20.99
C SER B 121 48.91 -6.07 20.60
N VAL B 122 48.57 -6.95 19.66
CA VAL B 122 47.18 -7.07 19.21
C VAL B 122 46.28 -7.52 20.34
N GLN B 123 46.79 -8.38 21.23
CA GLN B 123 45.99 -8.83 22.37
C GLN B 123 45.70 -7.67 23.31
N GLU B 124 46.67 -6.78 23.50
CA GLU B 124 46.44 -5.59 24.32
C GLU B 124 45.39 -4.69 23.68
N ILE B 125 45.43 -4.56 22.35
CA ILE B 125 44.43 -3.77 21.65
C ILE B 125 43.04 -4.36 21.82
N LYS B 126 42.93 -5.69 21.75
CA LYS B 126 41.63 -6.33 21.95
C LYS B 126 41.13 -6.15 23.37
N LYS B 127 42.01 -6.28 24.36
CA LYS B 127 41.57 -6.19 25.75
C LYS B 127 41.23 -4.76 26.15
N TYR B 128 42.03 -3.79 25.71
CA TYR B 128 41.83 -2.40 26.10
C TYR B 128 40.77 -1.70 25.25
N PHE B 129 40.59 -2.13 24.00
CA PHE B 129 39.56 -1.59 23.12
C PHE B 129 38.20 -2.22 23.37
N GLU B 130 38.13 -3.28 24.16
CA GLU B 130 36.88 -4.00 24.44
C GLU B 130 36.21 -4.47 23.16
N LEU B 131 37.02 -4.85 22.17
CA LEU B 131 36.49 -5.36 20.92
C LEU B 131 36.10 -6.83 21.00
N GLU B 132 36.44 -7.53 22.08
CA GLU B 132 35.97 -8.91 22.18
C GLU B 132 34.47 -8.95 22.51
N PRO B 133 33.99 -8.22 23.56
CA PRO B 133 32.55 -8.29 23.88
C PRO B 133 31.67 -7.55 22.88
N LEU B 134 32.03 -6.30 22.60
CA LEU B 134 31.18 -5.50 21.72
C LEU B 134 31.36 -5.92 20.27
N ALA B 135 32.61 -6.03 19.80
CA ALA B 135 32.86 -6.36 18.40
C ALA B 135 32.82 -7.88 18.21
N ARG B 136 31.62 -8.44 18.38
CA ARG B 136 31.37 -9.86 18.24
C ARG B 136 30.22 -10.16 17.28
N GLY B 137 30.41 -11.18 16.45
CA GLY B 137 29.39 -11.69 15.55
C GLY B 137 29.20 -10.96 14.23
N LYS B 138 29.99 -9.94 13.93
CA LYS B 138 29.85 -9.22 12.68
C LYS B 138 31.18 -9.32 11.93
N ARG B 139 31.14 -9.09 10.62
CA ARG B 139 32.30 -9.24 9.74
C ARG B 139 33.28 -8.09 9.96
N TRP B 140 34.00 -8.18 11.07
CA TRP B 140 35.06 -7.26 11.44
C TRP B 140 36.37 -8.02 11.65
N ILE B 141 37.47 -7.42 11.21
CA ILE B 141 38.78 -8.06 11.28
C ILE B 141 39.80 -7.04 11.77
N LEU B 142 40.53 -7.41 12.81
CA LEU B 142 41.62 -6.62 13.36
C LEU B 142 42.90 -7.32 12.95
N GLN B 143 43.66 -6.70 12.05
CA GLN B 143 44.84 -7.40 11.57
C GLN B 143 46.08 -6.53 11.71
N PRO B 144 47.24 -7.13 11.98
CA PRO B 144 48.46 -6.33 12.05
C PRO B 144 48.90 -5.91 10.67
N CYS B 145 49.51 -4.72 10.61
CA CYS B 145 50.00 -4.19 9.35
C CYS B 145 51.17 -3.27 9.65
N SER B 146 52.13 -3.25 8.73
CA SER B 146 53.31 -2.42 8.86
C SER B 146 53.67 -1.82 7.50
N LEU B 147 54.24 -0.61 7.54
CA LEU B 147 54.62 0.07 6.30
C LEU B 147 55.75 -0.65 5.58
N ASP B 148 56.59 -1.38 6.32
CA ASP B 148 57.66 -2.18 5.72
C ASP B 148 57.19 -3.57 5.33
N ASP B 149 55.97 -3.95 5.67
CA ASP B 149 55.39 -5.25 5.34
C ASP B 149 54.26 -5.01 4.34
N MET B 150 54.61 -5.04 3.05
CA MET B 150 53.60 -4.81 2.01
C MET B 150 52.68 -6.01 1.88
N ASP B 151 53.22 -7.23 1.99
CA ASP B 151 52.42 -8.42 1.79
C ASP B 151 51.37 -8.58 2.88
N ALA B 152 51.70 -8.22 4.12
CA ALA B 152 50.71 -8.31 5.19
C ALA B 152 49.56 -7.34 4.94
N LEU B 153 49.86 -6.13 4.48
CA LEU B 153 48.81 -5.18 4.12
C LEU B 153 47.97 -5.72 2.97
N LYS B 154 48.62 -6.36 1.99
CA LYS B 154 47.88 -6.93 0.87
C LYS B 154 46.94 -8.03 1.33
N ASP B 155 47.40 -8.87 2.27
CA ASP B 155 46.54 -9.93 2.79
C ASP B 155 45.38 -9.36 3.61
N SER B 156 45.64 -8.32 4.40
CA SER B 156 44.57 -7.68 5.15
C SER B 156 43.52 -7.08 4.22
N PHE B 157 43.97 -6.38 3.17
CA PHE B 157 43.04 -5.83 2.19
C PHE B 157 42.30 -6.92 1.44
N SER B 158 42.95 -8.06 1.19
CA SER B 158 42.26 -9.16 0.53
C SER B 158 41.15 -9.73 1.42
N GLN B 159 41.42 -9.87 2.72
CA GLN B 159 40.38 -10.30 3.64
C GLN B 159 39.26 -9.28 3.71
N LEU B 160 39.60 -7.99 3.71
CA LEU B 160 38.57 -6.96 3.74
C LEU B 160 37.69 -7.00 2.49
N ILE B 161 38.30 -7.21 1.32
CA ILE B 161 37.53 -7.31 0.08
C ILE B 161 36.69 -8.57 0.08
N ASN B 162 37.20 -9.66 0.66
CA ASN B 162 36.41 -10.88 0.77
C ASN B 162 35.19 -10.65 1.65
N LEU B 163 35.33 -9.87 2.71
CA LEU B 163 34.18 -9.50 3.53
C LEU B 163 33.22 -8.60 2.75
N LEU B 164 33.78 -7.67 1.96
CA LEU B 164 32.94 -6.78 1.16
C LEU B 164 32.09 -7.55 0.16
N GLU B 165 32.54 -8.74 -0.26
CA GLU B 165 31.78 -9.52 -1.23
C GLU B 165 30.51 -10.11 -0.64
N GLU B 166 30.44 -10.26 0.69
CA GLU B 166 29.27 -10.82 1.33
C GLU B 166 28.10 -9.85 1.30
N ILE C 6 3.75 -2.04 -9.71
CA ILE C 6 3.42 -0.97 -8.79
C ILE C 6 2.11 -1.28 -8.10
N ILE C 7 1.07 -1.53 -8.90
CA ILE C 7 -0.26 -1.87 -8.41
C ILE C 7 -0.13 -3.31 -7.92
N GLN C 8 -1.22 -3.91 -7.43
CA GLN C 8 -1.24 -5.27 -6.90
C GLN C 8 -0.30 -5.40 -5.71
N GLY C 9 0.96 -4.96 -5.87
CA GLY C 9 1.86 -4.96 -4.73
C GLY C 9 1.38 -4.04 -3.64
N ALA C 10 0.96 -2.83 -4.02
CA ALA C 10 0.34 -1.93 -3.06
C ALA C 10 -0.90 -2.57 -2.45
N LEU C 11 -1.67 -3.30 -3.26
CA LEU C 11 -2.81 -4.03 -2.73
C LEU C 11 -2.37 -5.10 -1.74
N GLU C 12 -1.28 -5.80 -2.05
CA GLU C 12 -0.76 -6.82 -1.14
C GLU C 12 -0.35 -6.20 0.19
N LEU C 13 0.27 -5.01 0.16
CA LEU C 13 0.65 -4.37 1.41
C LEU C 13 -0.58 -3.87 2.17
N ARG C 14 -1.55 -3.29 1.47
CA ARG C 14 -2.73 -2.78 2.12
C ARG C 14 -3.51 -3.90 2.80
N THR C 15 -3.55 -5.07 2.18
CA THR C 15 -4.22 -6.21 2.80
C THR C 15 -3.42 -6.76 3.98
N LYS C 16 -2.10 -6.55 3.97
CA LYS C 16 -1.22 -7.25 4.89
C LYS C 16 -1.39 -6.74 6.33
N THR C 17 -1.35 -7.68 7.26
CA THR C 17 -1.40 -7.42 8.69
C THR C 17 -0.05 -7.76 9.32
N VAL C 18 0.10 -7.42 10.60
CA VAL C 18 1.35 -7.70 11.29
C VAL C 18 1.62 -9.19 11.39
N GLU C 19 0.57 -10.00 11.46
CA GLU C 19 0.76 -11.46 11.51
C GLU C 19 1.47 -11.98 10.27
N ASP C 20 1.23 -11.35 9.12
CA ASP C 20 1.91 -11.77 7.89
C ASP C 20 3.40 -11.46 7.96
N VAL C 21 3.77 -10.31 8.52
CA VAL C 21 5.15 -9.86 8.53
C VAL C 21 5.88 -10.20 9.83
N MET C 22 5.16 -10.65 10.86
CA MET C 22 5.81 -10.96 12.12
C MET C 22 6.70 -12.19 11.98
N THR C 23 7.67 -12.28 12.88
CA THR C 23 8.48 -13.48 13.02
C THR C 23 7.86 -14.36 14.09
N PRO C 24 7.45 -15.59 13.77
CA PRO C 24 6.78 -16.42 14.77
C PRO C 24 7.67 -16.71 15.97
N LEU C 25 7.01 -17.07 17.07
CA LEU C 25 7.71 -17.20 18.34
C LEU C 25 8.78 -18.29 18.31
N ARG C 26 8.55 -19.37 17.54
CA ARG C 26 9.52 -20.45 17.51
C ARG C 26 10.84 -20.01 16.88
N ASP C 27 10.79 -19.07 15.95
CA ASP C 27 11.99 -18.56 15.30
C ASP C 27 12.62 -17.38 16.03
N CYS C 28 11.89 -16.76 16.97
CA CYS C 28 12.40 -15.57 17.64
C CYS C 28 13.44 -15.96 18.67
N PHE C 29 14.59 -15.28 18.62
CA PHE C 29 15.64 -15.47 19.60
C PHE C 29 15.28 -14.71 20.88
N MET C 30 15.12 -15.45 21.98
CA MET C 30 14.68 -14.88 23.24
C MET C 30 15.66 -15.27 24.34
N ILE C 31 15.33 -14.86 25.56
CA ILE C 31 16.18 -15.15 26.73
C ILE C 31 15.29 -15.07 27.97
N THR C 32 15.56 -15.96 28.93
CA THR C 32 14.74 -16.04 30.12
C THR C 32 15.14 -14.96 31.12
N GLY C 33 14.20 -14.61 32.00
CA GLY C 33 14.46 -13.62 33.02
C GLY C 33 15.51 -14.06 34.03
N GLU C 34 15.62 -15.36 34.28
CA GLU C 34 16.56 -15.90 35.24
C GLU C 34 17.98 -15.96 34.71
N ALA C 35 18.19 -15.59 33.45
CA ALA C 35 19.50 -15.77 32.82
C ALA C 35 20.55 -14.88 33.48
N ILE C 36 21.80 -15.31 33.35
CA ILE C 36 22.96 -14.61 33.88
C ILE C 36 23.87 -14.24 32.70
N LEU C 37 24.32 -12.99 32.66
CA LEU C 37 25.12 -12.50 31.55
C LEU C 37 26.58 -12.91 31.77
N ASP C 38 26.81 -14.21 31.72
CA ASP C 38 28.16 -14.73 31.84
C ASP C 38 28.88 -14.63 30.51
N PHE C 39 30.16 -15.01 30.51
CA PHE C 39 30.96 -14.92 29.29
C PHE C 39 30.34 -15.74 28.17
N ASN C 40 29.81 -16.92 28.48
CA ASN C 40 29.21 -17.78 27.46
C ASN C 40 27.91 -17.20 26.91
N THR C 41 27.03 -16.70 27.79
CA THR C 41 25.73 -16.21 27.35
C THR C 41 25.84 -14.94 26.51
N MET C 42 26.74 -14.03 26.88
CA MET C 42 26.87 -12.78 26.14
C MET C 42 27.32 -13.02 24.71
N SER C 43 28.14 -14.03 24.47
CA SER C 43 28.53 -14.36 23.10
C SER C 43 27.33 -14.83 22.30
N GLU C 44 26.48 -15.66 22.89
CA GLU C 44 25.29 -16.13 22.19
C GLU C 44 24.36 -14.97 21.90
N ILE C 45 24.26 -14.01 22.82
CA ILE C 45 23.39 -12.86 22.60
C ILE C 45 23.92 -12.01 21.46
N MET C 46 25.22 -11.68 21.51
CA MET C 46 25.83 -10.82 20.49
C MET C 46 25.96 -11.49 19.13
N GLU C 47 25.84 -12.82 19.07
CA GLU C 47 26.03 -13.52 17.81
C GLU C 47 24.76 -13.61 16.97
N SER C 48 23.58 -13.56 17.60
CA SER C 48 22.33 -13.73 16.87
C SER C 48 22.06 -12.57 15.91
N GLY C 49 22.71 -11.43 16.09
CA GLY C 49 22.53 -10.27 15.24
C GLY C 49 21.29 -9.44 15.51
N TYR C 50 20.32 -9.98 16.24
CA TYR C 50 19.13 -9.21 16.59
C TYR C 50 19.51 -8.09 17.55
N THR C 51 19.03 -6.87 17.27
CA THR C 51 19.35 -5.73 18.12
C THR C 51 18.47 -5.64 19.36
N ARG C 52 17.26 -6.20 19.31
CA ARG C 52 16.34 -6.18 20.44
C ARG C 52 15.80 -7.58 20.67
N ILE C 53 15.92 -8.06 21.90
CA ILE C 53 15.59 -9.44 22.25
C ILE C 53 14.47 -9.43 23.28
N PRO C 54 13.36 -10.11 23.04
CA PRO C 54 12.32 -10.23 24.08
C PRO C 54 12.81 -11.10 25.23
N VAL C 55 12.47 -10.69 26.44
CA VAL C 55 12.86 -11.37 27.66
C VAL C 55 11.60 -11.90 28.33
N PHE C 56 11.52 -13.23 28.46
CA PHE C 56 10.37 -13.93 28.98
C PHE C 56 10.67 -14.55 30.34
N GLU C 57 9.63 -15.07 30.98
CA GLU C 57 9.73 -15.72 32.28
C GLU C 57 8.79 -16.91 32.30
N GLY C 58 9.34 -18.12 32.42
CA GLY C 58 8.55 -19.33 32.46
C GLY C 58 8.34 -19.93 31.08
N GLU C 59 7.62 -19.22 30.23
CA GLU C 59 7.34 -19.67 28.87
C GLU C 59 7.71 -18.57 27.89
N ARG C 60 8.07 -18.99 26.67
CA ARG C 60 8.45 -18.01 25.65
C ARG C 60 7.28 -17.15 25.22
N SER C 61 6.05 -17.57 25.51
CA SER C 61 4.85 -16.79 25.21
C SER C 61 4.51 -15.80 26.32
N ASN C 62 5.28 -15.78 27.40
CA ASN C 62 5.08 -14.85 28.51
C ASN C 62 6.25 -13.86 28.49
N ILE C 63 6.13 -12.82 27.68
CA ILE C 63 7.20 -11.85 27.50
C ILE C 63 7.02 -10.74 28.53
N VAL C 64 8.09 -10.43 29.26
CA VAL C 64 8.01 -9.46 30.35
C VAL C 64 8.91 -8.25 30.15
N ASP C 65 9.93 -8.32 29.30
CA ASP C 65 10.82 -7.17 29.14
C ASP C 65 11.52 -7.23 27.80
N LEU C 66 12.33 -6.21 27.52
CA LEU C 66 13.11 -6.13 26.30
C LEU C 66 14.58 -5.89 26.64
N LEU C 67 15.48 -6.50 25.86
CA LEU C 67 16.91 -6.36 26.05
C LEU C 67 17.51 -5.72 24.80
N PHE C 68 18.28 -4.65 24.99
CA PHE C 68 18.93 -3.95 23.91
C PHE C 68 20.41 -4.30 23.87
N VAL C 69 20.92 -4.62 22.68
CA VAL C 69 22.33 -4.95 22.55
C VAL C 69 23.19 -3.71 22.79
N LYS C 70 22.68 -2.53 22.44
CA LYS C 70 23.43 -1.31 22.70
C LYS C 70 23.68 -1.13 24.19
N ASP C 71 22.76 -1.63 25.02
CA ASP C 71 22.98 -1.61 26.46
C ASP C 71 24.04 -2.60 26.89
N LEU C 72 24.38 -3.56 26.02
CA LEU C 72 25.40 -4.56 26.29
C LEU C 72 26.71 -4.25 25.56
N ALA C 73 26.90 -3.00 25.13
CA ALA C 73 28.10 -2.59 24.44
C ALA C 73 29.18 -2.22 25.43
N PHE C 74 30.43 -2.55 25.11
CA PHE C 74 31.61 -2.22 25.90
C PHE C 74 31.63 -2.86 27.28
N VAL C 75 30.68 -3.73 27.60
CA VAL C 75 30.62 -4.32 28.93
C VAL C 75 31.57 -5.51 28.98
N ASP C 76 32.22 -5.70 30.13
CA ASP C 76 33.01 -6.92 30.03
C ASP C 76 32.31 -8.06 30.74
N PRO C 77 32.39 -9.27 30.17
CA PRO C 77 31.65 -10.41 30.71
C PRO C 77 32.26 -11.00 31.99
N ASP C 78 33.25 -10.31 32.57
CA ASP C 78 33.93 -10.83 33.75
C ASP C 78 33.16 -10.56 35.03
N ASP C 79 32.31 -9.54 35.06
CA ASP C 79 31.55 -9.20 36.25
C ASP C 79 30.38 -10.15 36.47
N CYS C 80 29.98 -10.89 35.44
CA CYS C 80 28.86 -11.82 35.52
C CYS C 80 27.59 -11.11 36.01
N THR C 81 27.26 -10.03 35.32
CA THR C 81 26.09 -9.23 35.69
C THR C 81 24.80 -10.03 35.48
N PRO C 82 23.91 -10.08 36.46
CA PRO C 82 22.62 -10.74 36.22
C PRO C 82 21.74 -9.91 35.30
N LEU C 83 20.85 -10.59 34.59
CA LEU C 83 19.93 -9.90 33.68
C LEU C 83 18.98 -8.98 34.44
N LYS C 84 18.62 -9.36 35.67
CA LYS C 84 17.63 -8.61 36.42
C LYS C 84 18.09 -7.18 36.68
N THR C 85 19.38 -6.97 36.92
CA THR C 85 19.88 -5.62 37.18
C THR C 85 19.63 -4.70 35.98
N ILE C 86 20.11 -5.12 34.81
CA ILE C 86 19.97 -4.29 33.61
C ILE C 86 18.50 -4.14 33.23
N THR C 87 17.73 -5.22 33.38
CA THR C 87 16.33 -5.21 33.00
C THR C 87 15.53 -4.25 33.88
N LYS C 88 15.72 -4.32 35.19
CA LYS C 88 15.01 -3.44 36.11
C LYS C 88 15.48 -1.99 35.96
N PHE C 89 16.75 -1.77 35.59
CA PHE C 89 17.21 -0.40 35.44
C PHE C 89 16.65 0.26 34.20
N TYR C 90 16.81 -0.37 33.03
CA TYR C 90 16.45 0.30 31.79
C TYR C 90 14.93 0.42 31.63
N ASN C 91 14.21 -0.69 31.82
CA ASN C 91 12.74 -0.70 31.81
C ASN C 91 12.17 -0.11 30.52
N HIS C 92 12.60 -0.69 29.39
CA HIS C 92 12.11 -0.22 28.10
C HIS C 92 10.62 -0.53 27.95
N PRO C 93 9.88 0.30 27.23
CA PRO C 93 8.45 0.06 27.05
C PRO C 93 8.18 -1.23 26.30
N LEU C 94 7.04 -1.84 26.59
CA LEU C 94 6.62 -3.08 25.96
C LEU C 94 5.43 -2.82 25.06
N HIS C 95 5.58 -3.15 23.78
CA HIS C 95 4.57 -2.92 22.76
C HIS C 95 3.78 -4.20 22.52
N PHE C 96 2.46 -4.11 22.62
CA PHE C 96 1.59 -5.23 22.31
C PHE C 96 0.63 -4.78 21.23
N VAL C 97 0.59 -5.53 20.13
CA VAL C 97 -0.28 -5.20 19.01
C VAL C 97 -1.02 -6.46 18.59
N PHE C 98 -2.27 -6.30 18.17
CA PHE C 98 -3.05 -7.46 17.78
C PHE C 98 -2.68 -7.90 16.37
N ASN C 99 -2.96 -9.18 16.08
CA ASN C 99 -2.60 -9.73 14.78
C ASN C 99 -3.41 -9.10 13.65
N ASP C 100 -4.65 -8.68 13.93
CA ASP C 100 -5.50 -8.10 12.89
C ASP C 100 -5.14 -6.65 12.59
N THR C 101 -4.32 -6.02 13.42
CA THR C 101 -3.90 -4.64 13.19
C THR C 101 -3.17 -4.54 11.86
N LYS C 102 -3.47 -3.48 11.11
CA LYS C 102 -2.95 -3.34 9.76
C LYS C 102 -1.62 -2.60 9.76
N LEU C 103 -0.92 -2.69 8.62
CA LEU C 103 0.40 -2.08 8.49
C LEU C 103 0.36 -0.57 8.70
N ASP C 104 -0.68 0.10 8.20
CA ASP C 104 -0.75 1.55 8.33
C ASP C 104 -0.81 1.98 9.79
N ALA C 105 -1.64 1.31 10.59
CA ALA C 105 -1.73 1.64 12.00
C ALA C 105 -0.43 1.34 12.72
N MET C 106 0.18 0.19 12.41
CA MET C 106 1.47 -0.16 13.00
C MET C 106 2.53 0.88 12.68
N LEU C 107 2.55 1.36 11.44
CA LEU C 107 3.52 2.37 11.03
C LEU C 107 3.27 3.70 11.72
N GLU C 108 1.99 4.06 11.88
CA GLU C 108 1.66 5.27 12.63
C GLU C 108 2.11 5.15 14.08
N GLU C 109 1.99 3.96 14.66
CA GLU C 109 2.47 3.74 16.02
C GLU C 109 3.98 3.82 16.09
N PHE C 110 4.68 3.40 15.04
CA PHE C 110 6.14 3.46 15.02
C PHE C 110 6.69 4.83 14.67
N LYS C 111 5.89 5.73 14.09
CA LYS C 111 6.42 6.96 13.53
C LYS C 111 7.10 7.84 14.58
N LYS C 112 6.69 7.73 15.85
CA LYS C 112 7.25 8.59 16.88
C LYS C 112 8.71 8.26 17.19
N GLY C 113 9.17 7.07 16.79
CA GLY C 113 10.53 6.67 17.09
C GLY C 113 10.78 6.27 18.52
N LYS C 114 9.73 6.17 19.33
CA LYS C 114 9.87 5.75 20.72
C LYS C 114 10.01 4.24 20.88
N SER C 115 9.75 3.45 19.84
CA SER C 115 9.89 2.01 19.94
C SER C 115 10.14 1.43 18.56
N HIS C 116 10.72 0.22 18.54
CA HIS C 116 11.02 -0.47 17.30
C HIS C 116 10.61 -1.93 17.27
N LEU C 117 10.21 -2.52 18.40
CA LEU C 117 9.81 -3.92 18.45
C LEU C 117 8.49 -4.07 19.19
N ALA C 118 7.56 -4.80 18.60
CA ALA C 118 6.28 -5.10 19.22
C ALA C 118 6.04 -6.61 19.27
N ILE C 119 5.14 -7.00 20.16
CA ILE C 119 4.74 -8.38 20.39
C ILE C 119 3.35 -8.57 19.82
N VAL C 120 3.21 -9.56 18.94
CA VAL C 120 1.94 -9.87 18.30
C VAL C 120 1.09 -10.74 19.22
N GLN C 121 -0.09 -10.26 19.54
CA GLN C 121 -1.09 -10.95 20.34
C GLN C 121 -2.31 -11.18 19.45
N ARG C 122 -3.10 -12.20 19.78
CA ARG C 122 -4.24 -12.57 18.98
C ARG C 122 -5.53 -12.26 19.71
N VAL C 123 -6.54 -11.84 18.95
CA VAL C 123 -7.85 -11.51 19.51
C VAL C 123 -8.71 -12.77 19.63
N GLY C 129 -9.40 -21.80 25.48
CA GLY C 129 -10.78 -21.94 25.94
C GLY C 129 -11.18 -20.82 26.86
N ASP C 130 -10.65 -20.85 28.09
CA ASP C 130 -10.81 -19.73 28.99
C ASP C 130 -10.18 -18.49 28.37
N PRO C 131 -10.66 -17.29 28.73
CA PRO C 131 -10.19 -16.06 28.07
C PRO C 131 -8.67 -15.92 28.12
N PHE C 132 -8.03 -15.82 26.97
CA PHE C 132 -6.57 -15.85 26.91
C PHE C 132 -6.08 -15.04 25.72
N TYR C 133 -5.29 -14.01 25.99
CA TYR C 133 -4.58 -13.30 24.95
C TYR C 133 -3.35 -14.14 24.62
N GLU C 134 -3.14 -14.41 23.33
CA GLU C 134 -2.08 -15.34 22.94
C GLU C 134 -0.99 -14.63 22.14
N VAL C 135 0.24 -14.82 22.57
CA VAL C 135 1.40 -14.26 21.88
C VAL C 135 1.75 -15.17 20.70
N LEU C 136 1.80 -14.58 19.51
CA LEU C 136 2.11 -15.30 18.28
C LEU C 136 3.56 -15.14 17.85
N GLY C 137 4.12 -13.95 18.01
CA GLY C 137 5.47 -13.70 17.55
C GLY C 137 5.87 -12.27 17.85
N ILE C 138 6.92 -11.82 17.19
CA ILE C 138 7.37 -10.44 17.33
C ILE C 138 7.48 -9.82 15.95
N VAL C 139 7.29 -8.51 15.90
CA VAL C 139 7.40 -7.75 14.66
C VAL C 139 8.23 -6.51 14.95
N THR C 140 8.99 -6.07 13.96
CA THR C 140 9.88 -4.93 14.14
C THR C 140 9.63 -3.88 13.06
N LEU C 141 10.10 -2.67 13.34
CA LEU C 141 10.08 -1.61 12.34
C LEU C 141 10.85 -2.02 11.10
N GLU C 142 11.96 -2.74 11.29
CA GLU C 142 12.76 -3.20 10.16
C GLU C 142 11.92 -4.08 9.24
N ASP C 143 11.02 -4.89 9.82
CA ASP C 143 10.18 -5.77 9.01
C ASP C 143 9.24 -4.97 8.12
N VAL C 144 8.59 -3.94 8.68
CA VAL C 144 7.65 -3.13 7.89
C VAL C 144 8.40 -2.40 6.78
N ILE C 145 9.59 -1.86 7.09
CA ILE C 145 10.35 -1.20 6.03
C ILE C 145 10.80 -2.23 4.99
N GLU C 146 11.10 -3.45 5.42
CA GLU C 146 11.43 -4.51 4.47
C GLU C 146 10.24 -4.82 3.56
N GLU C 147 9.02 -4.75 4.11
CA GLU C 147 7.83 -4.92 3.28
C GLU C 147 7.72 -3.82 2.24
N ILE C 148 7.98 -2.58 2.64
CA ILE C 148 7.89 -1.47 1.69
C ILE C 148 8.96 -1.59 0.62
N ILE C 149 10.17 -2.00 0.99
CA ILE C 149 11.25 -2.10 0.02
C ILE C 149 11.07 -3.31 -0.89
N LYS C 150 10.57 -4.42 -0.34
CA LYS C 150 10.38 -5.64 -1.14
C LYS C 150 9.25 -5.49 -2.15
N SER C 151 8.20 -4.77 -1.79
CA SER C 151 7.13 -4.51 -2.74
C SER C 151 7.42 -3.41 -3.75
N GLU C 152 8.68 -3.28 -4.20
CA GLU C 152 9.20 -2.21 -5.08
C GLU C 152 8.14 -1.19 -5.52
N ILE C 153 7.83 -0.23 -4.63
CA ILE C 153 6.91 0.84 -4.96
C ILE C 153 7.65 2.15 -5.21
N LEU C 154 8.94 2.09 -5.51
CA LEU C 154 9.73 3.31 -5.71
C LEU C 154 11.11 3.00 -6.27
N GLU D 2 -18.46 8.79 21.31
CA GLU D 2 -17.77 7.80 22.12
C GLU D 2 -16.31 8.14 22.33
N TYR D 3 -15.73 7.58 23.38
CA TYR D 3 -14.30 7.73 23.68
C TYR D 3 -13.84 6.51 24.47
N ASP D 4 -12.85 5.80 23.96
CA ASP D 4 -12.30 4.62 24.63
C ASP D 4 -11.08 5.04 25.45
N LEU D 5 -11.13 4.78 26.74
CA LEU D 5 -10.09 5.17 27.67
C LEU D 5 -9.66 3.97 28.50
N VAL D 6 -8.47 4.06 29.08
CA VAL D 6 -7.95 3.04 29.98
C VAL D 6 -7.54 3.70 31.28
N CYS D 7 -7.80 3.03 32.41
CA CYS D 7 -7.46 3.54 33.73
C CYS D 7 -6.54 2.56 34.44
N ILE D 8 -5.38 3.05 34.87
CA ILE D 8 -4.37 2.25 35.55
C ILE D 8 -4.01 2.92 36.87
N GLY D 9 -3.75 2.10 37.89
CA GLY D 9 -3.38 2.63 39.19
C GLY D 9 -2.73 1.57 40.04
N LEU D 10 -2.07 2.03 41.11
CA LEU D 10 -1.34 1.12 41.99
C LEU D 10 -2.23 0.31 42.91
N THR D 11 -3.24 0.95 43.51
CA THR D 11 -4.06 0.27 44.50
C THR D 11 -4.84 -0.89 43.88
N GLY D 12 -5.04 -1.92 44.68
CA GLY D 12 -5.73 -3.12 44.26
C GLY D 12 -7.17 -2.80 43.93
N SER D 13 -7.42 -2.32 42.72
CA SER D 13 -8.76 -2.05 42.21
C SER D 13 -9.46 -0.96 43.02
N GLY D 14 -8.66 -0.09 43.66
CA GLY D 14 -9.22 1.03 44.40
C GLY D 14 -10.05 1.94 43.51
N LYS D 15 -9.65 2.09 42.26
CA LYS D 15 -10.39 2.91 41.30
C LYS D 15 -11.76 2.34 41.00
N THR D 16 -11.94 1.01 41.09
CA THR D 16 -13.23 0.42 40.74
C THR D 16 -14.32 0.79 41.76
N SER D 17 -13.94 1.19 42.98
CA SER D 17 -14.93 1.73 43.90
C SER D 17 -15.40 3.10 43.45
N LEU D 18 -14.46 3.91 42.94
CA LEU D 18 -14.82 5.21 42.38
C LEU D 18 -15.65 5.05 41.11
N LEU D 19 -15.38 4.01 40.33
CA LEU D 19 -16.10 3.78 39.08
C LEU D 19 -17.52 3.29 39.33
N SER D 20 -17.74 2.48 40.37
CA SER D 20 -19.09 2.01 40.68
C SER D 20 -20.07 3.13 40.96
N LYS D 21 -19.58 4.31 41.38
CA LYS D 21 -20.47 5.42 41.69
C LYS D 21 -20.85 6.22 40.45
N LEU D 22 -20.05 6.17 39.40
CA LEU D 22 -20.35 6.92 38.18
C LEU D 22 -21.49 6.29 37.40
N PHE D 36 -8.55 -7.61 33.53
CA PHE D 36 -9.14 -6.42 32.91
C PHE D 36 -10.66 -6.48 32.95
N SER D 37 -11.29 -5.31 33.01
CA SER D 37 -12.75 -5.22 32.97
C SER D 37 -13.13 -3.94 32.23
N ILE D 38 -13.86 -4.09 31.13
CA ILE D 38 -14.30 -2.95 30.35
C ILE D 38 -15.72 -2.57 30.79
N LYS D 39 -15.98 -1.26 30.83
CA LYS D 39 -17.30 -0.78 31.24
C LYS D 39 -17.61 0.50 30.48
N ALA D 40 -18.88 0.87 30.47
CA ALA D 40 -19.32 2.08 29.78
C ALA D 40 -19.64 3.19 30.77
N ALA D 46 -20.50 12.30 25.36
CA ALA D 46 -20.19 11.00 24.77
C ALA D 46 -20.25 9.90 25.81
N ILE D 47 -20.03 8.67 25.38
CA ILE D 47 -20.03 7.49 26.26
C ILE D 47 -18.58 7.06 26.42
N LEU D 48 -18.06 7.15 27.64
CA LEU D 48 -16.68 6.80 27.94
C LEU D 48 -16.60 5.31 28.23
N ASN D 49 -15.98 4.56 27.31
CA ASN D 49 -15.72 3.14 27.52
C ASN D 49 -14.37 3.01 28.21
N VAL D 50 -14.39 2.82 29.52
CA VAL D 50 -13.19 2.76 30.34
C VAL D 50 -12.82 1.31 30.60
N LYS D 51 -11.56 0.98 30.35
CA LYS D 51 -11.02 -0.35 30.65
C LYS D 51 -10.18 -0.24 31.92
N GLU D 52 -10.58 -0.99 32.94
CA GLU D 52 -9.89 -1.01 34.23
C GLU D 52 -8.98 -2.23 34.29
N LEU D 53 -7.68 -2.00 34.42
CA LEU D 53 -6.71 -3.07 34.54
C LEU D 53 -6.46 -3.38 36.02
N GLY D 54 -6.02 -4.61 36.28
CA GLY D 54 -5.77 -5.01 37.64
C GLY D 54 -4.59 -4.25 38.25
N GLY D 55 -4.63 -4.12 39.58
CA GLY D 55 -3.58 -3.42 40.28
C GLY D 55 -2.64 -4.32 41.06
N ALA D 56 -2.83 -5.64 40.95
CA ALA D 56 -1.95 -6.57 41.65
C ALA D 56 -0.55 -6.52 41.05
N ASP D 57 0.45 -6.85 41.86
CA ASP D 57 1.84 -6.70 41.46
C ASP D 57 2.17 -7.54 40.22
N ASN D 58 1.66 -8.78 40.17
CA ASN D 58 1.94 -9.62 39.01
C ASN D 58 1.34 -9.03 37.74
N ILE D 59 0.12 -8.48 37.83
CA ILE D 59 -0.59 -7.95 36.67
C ILE D 59 0.01 -6.62 36.19
N ARG D 60 0.79 -5.94 37.03
CA ARG D 60 1.45 -4.71 36.60
C ARG D 60 2.35 -4.96 35.40
N LYS D 61 3.02 -6.12 35.37
CA LYS D 61 3.83 -6.45 34.21
C LYS D 61 2.97 -6.68 32.97
N TYR D 62 1.73 -7.12 33.15
CA TYR D 62 0.83 -7.42 32.04
C TYR D 62 0.00 -6.20 31.65
N TRP D 63 0.16 -5.09 32.38
CA TRP D 63 -0.58 -3.87 32.05
C TRP D 63 -0.47 -3.50 30.57
N SER D 64 0.75 -3.46 30.05
CA SER D 64 1.03 -2.95 28.71
C SER D 64 0.42 -3.79 27.59
N ARG D 65 -0.22 -4.91 27.93
CA ARG D 65 -0.82 -5.80 26.94
C ARG D 65 -2.11 -5.24 26.35
N TYR D 66 -2.72 -4.24 27.00
CA TYR D 66 -4.05 -3.77 26.64
C TYR D 66 -4.10 -2.37 26.06
N TYR D 67 -2.95 -1.66 26.01
CA TYR D 67 -2.93 -0.25 25.68
C TYR D 67 -3.36 0.05 24.24
N GLN D 68 -3.44 -0.95 23.37
CA GLN D 68 -3.72 -0.66 21.96
C GLN D 68 -5.14 -0.14 21.80
N GLY D 69 -5.30 0.89 21.00
CA GLY D 69 -6.61 1.48 20.77
C GLY D 69 -7.16 2.22 21.97
N SER D 70 -6.40 3.15 22.53
CA SER D 70 -6.83 3.96 23.67
C SER D 70 -6.81 5.43 23.26
N GLN D 71 -7.76 6.20 23.78
CA GLN D 71 -7.85 7.62 23.47
C GLN D 71 -7.62 8.51 24.68
N GLY D 72 -7.36 7.94 25.85
CA GLY D 72 -7.04 8.73 27.03
C GLY D 72 -6.70 7.79 28.16
N VAL D 73 -5.95 8.33 29.13
CA VAL D 73 -5.53 7.54 30.28
C VAL D 73 -5.97 8.28 31.54
N ILE D 74 -6.40 7.51 32.53
CA ILE D 74 -6.78 8.04 33.84
C ILE D 74 -5.99 7.29 34.89
N PHE D 75 -4.94 7.93 35.42
CA PHE D 75 -4.13 7.35 36.47
C PHE D 75 -4.63 7.84 37.82
N VAL D 76 -4.90 6.89 38.72
CA VAL D 76 -5.38 7.16 40.06
C VAL D 76 -4.27 6.74 41.02
N LEU D 77 -3.96 7.60 41.99
CA LEU D 77 -2.97 7.29 42.99
C LEU D 77 -3.56 7.64 44.34
N ASP D 78 -3.33 6.78 45.33
CA ASP D 78 -3.82 7.08 46.67
C ASP D 78 -2.83 8.05 47.31
N SER D 79 -3.32 9.21 47.74
CA SER D 79 -2.44 10.16 48.40
C SER D 79 -2.12 9.71 49.82
N ALA D 80 -3.00 8.93 50.43
CA ALA D 80 -2.78 8.44 51.78
C ALA D 80 -1.89 7.21 51.82
N SER D 81 -1.62 6.57 50.68
CA SER D 81 -0.85 5.35 50.72
C SER D 81 0.58 5.67 51.13
N SER D 82 1.35 4.65 51.45
CA SER D 82 2.68 4.92 51.98
C SER D 82 3.60 5.50 50.92
N GLU D 83 4.69 6.11 51.41
CA GLU D 83 5.69 6.71 50.52
C GLU D 83 6.33 5.65 49.64
N ASP D 84 6.47 4.42 50.16
CA ASP D 84 6.99 3.34 49.33
C ASP D 84 6.04 3.06 48.17
N ASP D 85 4.73 3.06 48.43
CA ASP D 85 3.75 2.93 47.37
C ASP D 85 3.80 4.12 46.42
N LEU D 86 3.99 5.32 46.95
CA LEU D 86 4.05 6.51 46.10
C LEU D 86 5.26 6.48 45.17
N GLU D 87 6.37 5.93 45.64
CA GLU D 87 7.55 5.83 44.80
C GLU D 87 7.28 4.90 43.62
N ALA D 88 6.63 3.77 43.90
CA ALA D 88 6.22 2.87 42.82
C ALA D 88 5.25 3.57 41.89
N ALA D 89 4.34 4.38 42.44
CA ALA D 89 3.39 5.11 41.61
C ALA D 89 4.10 6.08 40.68
N ARG D 90 5.13 6.76 41.19
CA ARG D 90 5.90 7.67 40.35
C ARG D 90 6.58 6.91 39.21
N ASN D 91 7.23 5.79 39.54
CA ASN D 91 7.92 5.01 38.51
C ASN D 91 6.94 4.43 37.49
N GLU D 92 5.80 3.89 37.96
CA GLU D 92 4.83 3.31 37.04
C GLU D 92 4.21 4.38 36.15
N LEU D 93 3.87 5.54 36.72
CA LEU D 93 3.38 6.64 35.91
C LEU D 93 4.40 7.09 34.88
N HIS D 94 5.67 7.15 35.26
CA HIS D 94 6.68 7.59 34.32
C HIS D 94 6.88 6.58 33.20
N SER D 95 6.82 5.29 33.52
CA SER D 95 6.92 4.26 32.49
C SER D 95 5.72 4.30 31.54
N ALA D 96 4.52 4.51 32.08
CA ALA D 96 3.33 4.57 31.23
C ALA D 96 3.29 5.85 30.41
N LEU D 97 3.79 6.96 30.97
CA LEU D 97 3.75 8.25 30.29
C LEU D 97 4.63 8.23 29.05
N GLN D 98 5.75 7.53 29.11
CA GLN D 98 6.68 7.44 27.99
C GLN D 98 6.44 6.20 27.15
N HIS D 99 5.34 5.48 27.41
CA HIS D 99 5.00 4.34 26.57
C HIS D 99 4.51 4.90 25.24
N PRO D 100 4.98 4.38 24.11
CA PRO D 100 4.66 5.01 22.83
C PRO D 100 3.18 5.03 22.49
N GLN D 101 2.40 4.03 22.90
CA GLN D 101 0.97 4.08 22.60
C GLN D 101 0.23 5.10 23.45
N LEU D 102 0.83 5.61 24.53
CA LEU D 102 0.16 6.56 25.40
C LEU D 102 0.85 7.90 25.54
N CYS D 103 2.07 8.06 25.02
CA CYS D 103 2.78 9.31 25.25
C CYS D 103 2.08 10.48 24.56
N THR D 104 1.46 10.24 23.40
CA THR D 104 0.73 11.25 22.66
C THR D 104 -0.69 11.43 23.16
N LEU D 105 -1.07 10.70 24.17
CA LEU D 105 -2.41 10.55 24.72
C LEU D 105 -2.66 11.58 25.81
N PRO D 106 -3.93 11.93 26.06
CA PRO D 106 -4.22 12.81 27.20
C PRO D 106 -4.23 12.03 28.50
N PHE D 107 -3.85 12.73 29.56
CA PHE D 107 -3.60 12.10 30.86
C PHE D 107 -4.39 12.83 31.93
N LEU D 108 -5.09 12.07 32.76
CA LEU D 108 -5.81 12.59 33.90
C LEU D 108 -5.20 11.95 35.14
N ILE D 109 -4.65 12.75 36.05
CA ILE D 109 -3.98 12.22 37.23
C ILE D 109 -4.74 12.67 38.47
N LEU D 110 -5.24 11.71 39.24
CA LEU D 110 -6.07 11.98 40.42
C LEU D 110 -5.41 11.46 41.69
N ALA D 111 -5.24 12.35 42.67
CA ALA D 111 -4.80 12.00 44.01
C ALA D 111 -6.05 11.74 44.85
N ASN D 112 -6.36 10.46 45.05
CA ASN D 112 -7.62 10.03 45.64
C ASN D 112 -7.53 10.04 47.17
N HIS D 113 -8.71 10.04 47.79
CA HIS D 113 -8.85 9.83 49.23
C HIS D 113 -8.15 10.91 50.04
N GLN D 114 -8.43 12.18 49.71
CA GLN D 114 -8.01 13.27 50.59
C GLN D 114 -8.73 13.25 51.93
N ASP D 115 -9.65 12.30 52.14
CA ASP D 115 -10.30 12.17 53.44
C ASP D 115 -9.33 11.72 54.51
N LYS D 116 -8.29 10.98 54.12
CA LYS D 116 -7.41 10.39 55.12
C LYS D 116 -6.46 11.43 55.70
N PRO D 117 -5.94 11.18 56.90
CA PRO D 117 -4.95 12.11 57.47
C PRO D 117 -3.62 12.10 56.72
N ALA D 118 -3.18 10.94 56.25
CA ALA D 118 -1.97 10.82 55.44
C ALA D 118 -2.10 11.47 54.07
N ALA D 119 -3.30 11.87 53.67
CA ALA D 119 -3.50 12.47 52.37
C ALA D 119 -2.63 13.70 52.18
N ARG D 120 -1.97 13.78 51.03
CA ARG D 120 -0.99 14.80 50.75
C ARG D 120 -1.53 15.84 49.78
N SER D 121 -1.04 17.07 49.94
CA SER D 121 -1.38 18.18 49.05
C SER D 121 -1.03 17.85 47.60
N VAL D 122 -1.94 18.22 46.70
CA VAL D 122 -1.72 17.99 45.27
C VAL D 122 -0.44 18.66 44.81
N GLN D 123 -0.11 19.83 45.38
CA GLN D 123 1.13 20.49 45.04
C GLN D 123 2.34 19.66 45.46
N GLU D 124 2.24 19.00 46.62
CA GLU D 124 3.33 18.13 47.06
C GLU D 124 3.48 16.93 46.13
N ILE D 125 2.36 16.38 45.66
CA ILE D 125 2.41 15.26 44.72
C ILE D 125 3.03 15.69 43.40
N LYS D 126 2.70 16.91 42.94
CA LYS D 126 3.29 17.43 41.72
C LYS D 126 4.79 17.64 41.88
N LYS D 127 5.21 18.14 43.05
CA LYS D 127 6.62 18.41 43.28
C LYS D 127 7.42 17.12 43.40
N TYR D 128 6.86 16.10 44.06
CA TYR D 128 7.59 14.85 44.27
C TYR D 128 7.54 13.95 43.04
N PHE D 129 6.51 14.07 42.21
CA PHE D 129 6.39 13.26 41.00
C PHE D 129 7.21 13.78 39.84
N GLU D 130 7.80 14.98 39.95
CA GLU D 130 8.63 15.56 38.89
C GLU D 130 7.88 15.62 37.56
N LEU D 131 6.58 15.91 37.62
CA LEU D 131 5.78 16.02 36.41
C LEU D 131 5.95 17.36 35.72
N GLU D 132 6.60 18.33 36.37
CA GLU D 132 6.84 19.62 35.70
C GLU D 132 7.93 19.52 34.64
N PRO D 133 9.12 18.93 34.90
CA PRO D 133 10.15 18.89 33.85
C PRO D 133 9.84 17.95 32.70
N LEU D 134 9.49 16.69 33.00
CA LEU D 134 9.28 15.73 31.91
C LEU D 134 7.93 15.93 31.25
N ALA D 135 6.86 15.92 32.05
CA ALA D 135 5.49 16.04 31.55
C ALA D 135 5.14 17.52 31.38
N ARG D 136 5.80 18.14 30.41
CA ARG D 136 5.57 19.55 30.11
C ARG D 136 5.20 19.72 28.65
N GLY D 137 4.22 20.59 28.40
CA GLY D 137 3.77 20.82 27.04
C GLY D 137 2.77 19.80 26.52
N LYS D 138 2.33 18.88 27.35
CA LYS D 138 1.42 17.81 26.94
C LYS D 138 0.10 17.95 27.69
N ARG D 139 -0.94 17.33 27.11
CA ARG D 139 -2.29 17.42 27.65
C ARG D 139 -2.42 16.52 28.87
N TRP D 140 -1.85 16.99 29.98
CA TRP D 140 -1.96 16.35 31.27
C TRP D 140 -2.51 17.35 32.27
N ILE D 141 -3.39 16.89 33.16
CA ILE D 141 -4.03 17.74 34.14
C ILE D 141 -4.04 17.02 35.48
N LEU D 142 -3.60 17.72 36.53
CA LEU D 142 -3.58 17.17 37.88
C LEU D 142 -4.73 17.80 38.65
N GLN D 143 -5.73 16.99 38.98
CA GLN D 143 -6.94 17.43 39.65
C GLN D 143 -7.22 16.57 40.88
N PRO D 144 -7.75 17.16 41.94
CA PRO D 144 -8.07 16.39 43.14
C PRO D 144 -9.30 15.50 42.97
N CYS D 145 -9.31 14.41 43.72
CA CYS D 145 -10.45 13.50 43.76
C CYS D 145 -10.47 12.85 45.14
N SER D 146 -11.65 12.66 45.71
CA SER D 146 -11.72 12.03 47.02
C SER D 146 -12.96 11.16 47.21
N LEU D 147 -14.13 11.79 47.22
CA LEU D 147 -15.32 11.25 47.84
C LEU D 147 -16.00 10.23 46.95
N ASP D 148 -17.02 9.59 47.52
CA ASP D 148 -17.84 8.61 46.81
C ASP D 148 -18.85 9.31 45.91
N MET D 150 -17.77 13.86 44.92
CA MET D 150 -18.00 13.04 43.75
C MET D 150 -18.26 13.88 42.51
N ASP D 151 -19.02 14.96 42.70
CA ASP D 151 -19.41 15.80 41.56
C ASP D 151 -18.23 16.60 41.00
N ALA D 152 -17.31 17.04 41.85
CA ALA D 152 -16.16 17.81 41.36
C ALA D 152 -15.30 16.98 40.42
N LEU D 153 -15.17 15.69 40.72
CA LEU D 153 -14.45 14.81 39.81
C LEU D 153 -15.09 14.84 38.43
N LYS D 154 -16.42 14.97 38.36
CA LYS D 154 -17.08 15.07 37.07
C LYS D 154 -16.60 16.31 36.30
N ASP D 155 -16.39 17.43 37.00
CA ASP D 155 -15.85 18.61 36.33
C ASP D 155 -14.44 18.36 35.85
N SER D 156 -13.63 17.66 36.64
CA SER D 156 -12.28 17.33 36.20
C SER D 156 -12.32 16.45 34.95
N PHE D 157 -13.22 15.45 34.94
CA PHE D 157 -13.39 14.60 33.78
C PHE D 157 -13.91 15.39 32.59
N SER D 158 -14.72 16.43 32.83
CA SER D 158 -15.18 17.28 31.74
C SER D 158 -14.02 18.02 31.10
N GLN D 159 -13.09 18.51 31.92
CA GLN D 159 -11.88 19.13 31.35
C GLN D 159 -11.09 18.10 30.55
N LEU D 160 -10.98 16.88 31.07
CA LEU D 160 -10.25 15.84 30.36
C LEU D 160 -10.89 15.53 29.02
N ILE D 161 -12.22 15.46 28.99
CA ILE D 161 -12.95 15.22 27.74
C ILE D 161 -12.79 16.39 26.80
N ASN D 162 -12.68 17.61 27.34
CA ASN D 162 -12.40 18.78 26.51
C ASN D 162 -11.04 18.62 25.82
N LEU D 163 -10.08 18.03 26.52
CA LEU D 163 -8.81 17.72 25.86
C LEU D 163 -8.99 16.64 24.79
N LEU D 164 -9.83 15.65 25.05
CA LEU D 164 -10.13 14.60 24.07
C LEU D 164 -10.70 15.17 22.78
N GLU E 2 -31.29 -18.32 -49.13
CA GLU E 2 -31.95 -17.09 -49.55
C GLU E 2 -33.07 -16.74 -48.55
N GLU E 3 -34.23 -16.28 -49.02
CA GLU E 3 -35.28 -15.83 -48.10
C GLU E 3 -35.72 -16.95 -47.16
N LEU E 4 -35.91 -18.17 -47.70
CA LEU E 4 -36.27 -19.30 -46.86
C LEU E 4 -35.23 -19.55 -45.76
N ASN E 5 -33.94 -19.37 -46.10
CA ASN E 5 -32.88 -19.51 -45.10
C ASN E 5 -33.05 -18.48 -44.00
N ILE E 6 -33.31 -17.23 -44.37
CA ILE E 6 -33.64 -16.19 -43.39
C ILE E 6 -34.74 -16.66 -42.45
N ILE E 7 -35.79 -17.28 -43.01
CA ILE E 7 -36.94 -17.69 -42.21
C ILE E 7 -36.55 -18.76 -41.19
N GLN E 8 -35.87 -19.81 -41.68
CA GLN E 8 -35.49 -20.93 -40.82
C GLN E 8 -34.71 -20.51 -39.58
N GLY E 9 -33.70 -19.67 -39.75
CA GLY E 9 -32.88 -19.26 -38.62
C GLY E 9 -33.65 -18.50 -37.56
N ALA E 10 -34.46 -17.53 -37.98
CA ALA E 10 -35.30 -16.80 -37.03
C ALA E 10 -36.23 -17.75 -36.30
N LEU E 11 -36.76 -18.75 -37.00
CA LEU E 11 -37.62 -19.72 -36.33
C LEU E 11 -36.87 -20.46 -35.24
N GLU E 12 -35.61 -20.85 -35.52
CA GLU E 12 -34.80 -21.52 -34.51
C GLU E 12 -34.47 -20.61 -33.32
N LEU E 13 -34.17 -19.33 -33.59
CA LEU E 13 -33.78 -18.40 -32.52
C LEU E 13 -34.95 -18.03 -31.62
N ARG E 14 -36.14 -17.80 -32.17
CA ARG E 14 -37.25 -17.39 -31.31
C ARG E 14 -37.53 -18.43 -30.24
N THR E 15 -37.35 -19.70 -30.57
CA THR E 15 -37.52 -20.77 -29.59
C THR E 15 -36.38 -20.77 -28.57
N LYS E 16 -35.21 -20.26 -28.96
CA LYS E 16 -34.01 -20.46 -28.16
C LYS E 16 -34.07 -19.69 -26.84
N THR E 17 -33.66 -20.36 -25.78
CA THR E 17 -33.50 -19.80 -24.45
C THR E 17 -32.03 -19.82 -24.07
N VAL E 18 -31.70 -19.18 -22.96
CA VAL E 18 -30.32 -19.18 -22.48
C VAL E 18 -29.90 -20.59 -22.10
N GLU E 19 -30.85 -21.42 -21.67
CA GLU E 19 -30.56 -22.81 -21.33
C GLU E 19 -30.00 -23.57 -22.53
N ASP E 20 -30.39 -23.18 -23.74
CA ASP E 20 -29.87 -23.85 -24.94
C ASP E 20 -28.38 -23.59 -25.08
N VAL E 21 -27.94 -22.35 -24.83
CA VAL E 21 -26.55 -21.98 -25.02
C VAL E 21 -25.75 -21.95 -23.73
N MET E 22 -26.38 -22.11 -22.58
CA MET E 22 -25.63 -22.05 -21.33
C MET E 22 -24.67 -23.23 -21.22
N THR E 23 -23.60 -23.02 -20.46
CA THR E 23 -22.69 -24.09 -20.09
C THR E 23 -23.05 -24.61 -18.70
N PRO E 24 -23.42 -25.87 -18.56
CA PRO E 24 -23.80 -26.40 -17.24
C PRO E 24 -22.65 -26.35 -16.25
N LEU E 25 -23.00 -26.44 -14.97
CA LEU E 25 -22.01 -26.24 -13.91
C LEU E 25 -20.89 -27.28 -13.98
N ARG E 26 -21.20 -28.49 -14.45
CA ARG E 26 -20.19 -29.53 -14.50
C ARG E 26 -19.07 -29.22 -15.50
N ASP E 27 -19.37 -28.49 -16.57
CA ASP E 27 -18.34 -28.19 -17.56
C ASP E 27 -17.60 -26.87 -17.32
N CYS E 28 -18.17 -25.94 -16.57
CA CYS E 28 -17.53 -24.64 -16.38
C CYS E 28 -16.43 -24.72 -15.32
N PHE E 29 -15.29 -24.14 -15.65
CA PHE E 29 -14.14 -24.04 -14.76
C PHE E 29 -14.38 -22.97 -13.69
N MET E 30 -14.32 -23.38 -12.42
CA MET E 30 -14.59 -22.50 -11.28
C MET E 30 -13.41 -22.52 -10.32
N ILE E 31 -13.53 -21.79 -9.22
CA ILE E 31 -12.47 -21.69 -8.21
C ILE E 31 -13.10 -21.26 -6.89
N THR E 32 -12.59 -21.81 -5.79
CA THR E 32 -13.15 -21.53 -4.48
C THR E 32 -12.66 -20.19 -3.93
N GLY E 33 -13.44 -19.62 -3.03
CA GLY E 33 -13.06 -18.35 -2.41
C GLY E 33 -11.83 -18.43 -1.53
N GLU E 34 -11.61 -19.58 -0.90
CA GLU E 34 -10.48 -19.76 0.01
C GLU E 34 -9.16 -19.98 -0.72
N ALA E 35 -9.18 -20.06 -2.04
CA ALA E 35 -8.00 -20.43 -2.81
C ALA E 35 -6.90 -19.37 -2.70
N ILE E 36 -5.67 -19.82 -2.93
CA ILE E 36 -4.49 -18.98 -2.97
C ILE E 36 -3.89 -19.07 -4.36
N LEU E 37 -3.57 -17.92 -4.97
CA LEU E 37 -3.06 -17.91 -6.34
C LEU E 37 -1.56 -18.22 -6.35
N ASP E 38 -1.23 -19.43 -5.90
CA ASP E 38 0.15 -19.89 -5.93
C ASP E 38 0.46 -20.41 -7.33
N PHE E 39 1.73 -20.78 -7.55
CA PHE E 39 2.12 -21.19 -8.89
C PHE E 39 1.28 -22.35 -9.39
N ASN E 40 1.03 -23.34 -8.51
CA ASN E 40 0.25 -24.50 -8.90
C ASN E 40 -1.22 -24.11 -9.13
N THR E 41 -1.79 -23.36 -8.19
CA THR E 41 -3.20 -22.98 -8.33
C THR E 41 -3.40 -21.95 -9.45
N MET E 42 -2.54 -20.94 -9.50
CA MET E 42 -2.65 -19.91 -10.54
C MET E 42 -2.39 -20.48 -11.92
N SER E 43 -1.57 -21.53 -12.01
CA SER E 43 -1.24 -22.13 -13.30
C SER E 43 -2.47 -22.69 -14.00
N GLU E 44 -3.37 -23.33 -13.25
CA GLU E 44 -4.53 -23.98 -13.86
C GLU E 44 -5.45 -22.99 -14.58
N ILE E 45 -5.60 -21.77 -14.03
CA ILE E 45 -6.57 -20.83 -14.57
C ILE E 45 -6.23 -20.43 -16.00
N MET E 46 -4.96 -20.13 -16.27
CA MET E 46 -4.58 -19.67 -17.60
C MET E 46 -4.75 -20.73 -18.67
N GLU E 47 -4.86 -22.00 -18.29
CA GLU E 47 -5.01 -23.08 -19.26
C GLU E 47 -6.47 -23.32 -19.64
N SER E 48 -7.41 -22.99 -18.76
CA SER E 48 -8.82 -23.24 -19.03
C SER E 48 -9.36 -22.36 -20.16
N GLY E 49 -8.67 -21.27 -20.50
CA GLY E 49 -9.14 -20.38 -21.54
C GLY E 49 -10.23 -19.42 -21.11
N TYR E 50 -10.86 -19.65 -19.96
CA TYR E 50 -11.91 -18.77 -19.49
C TYR E 50 -11.34 -17.40 -19.14
N THR E 51 -11.98 -16.35 -19.64
CA THR E 51 -11.55 -15.00 -19.31
C THR E 51 -12.13 -14.54 -17.99
N ARG E 52 -13.29 -15.08 -17.61
CA ARG E 52 -13.97 -14.75 -16.36
C ARG E 52 -14.41 -16.05 -15.69
N ILE E 53 -14.02 -16.22 -14.44
CA ILE E 53 -14.21 -17.47 -13.71
C ILE E 53 -15.10 -17.18 -12.51
N PRO E 54 -16.21 -17.88 -12.33
CA PRO E 54 -17.00 -17.70 -11.11
C PRO E 54 -16.24 -18.22 -9.89
N VAL E 55 -16.36 -17.49 -8.79
CA VAL E 55 -15.68 -17.81 -7.53
C VAL E 55 -16.74 -18.15 -6.49
N PHE E 56 -16.71 -19.40 -6.03
CA PHE E 56 -17.67 -19.95 -5.08
C PHE E 56 -17.01 -20.20 -3.74
N GLU E 57 -17.82 -20.59 -2.76
CA GLU E 57 -17.34 -20.90 -1.42
C GLU E 57 -18.14 -22.09 -0.89
N GLY E 58 -17.47 -23.22 -0.70
CA GLY E 58 -18.12 -24.41 -0.20
C GLY E 58 -18.67 -25.29 -1.30
N GLU E 59 -19.67 -24.79 -2.02
CA GLU E 59 -20.31 -25.54 -3.09
C GLU E 59 -20.34 -24.71 -4.36
N ARG E 60 -20.34 -25.39 -5.51
CA ARG E 60 -20.34 -24.71 -6.80
C ARG E 60 -21.61 -23.93 -7.07
N SER E 61 -22.69 -24.23 -6.36
CA SER E 61 -23.94 -23.51 -6.52
C SER E 61 -24.01 -22.28 -5.63
N ASN E 62 -22.97 -22.01 -4.85
CA ASN E 62 -22.92 -20.86 -3.94
C ASN E 62 -21.88 -19.90 -4.50
N ILE E 63 -22.32 -19.04 -5.42
CA ILE E 63 -21.42 -18.12 -6.11
C ILE E 63 -21.38 -16.81 -5.34
N VAL E 64 -20.18 -16.35 -5.01
CA VAL E 64 -20.02 -15.13 -4.23
C VAL E 64 -19.19 -14.07 -4.94
N ASP E 65 -18.37 -14.40 -5.94
CA ASP E 65 -17.57 -13.38 -6.60
C ASP E 65 -17.25 -13.83 -8.02
N LEU E 66 -16.61 -12.94 -8.76
CA LEU E 66 -16.19 -13.26 -10.13
C LEU E 66 -14.74 -12.85 -10.30
N LEU E 67 -13.99 -13.61 -11.10
CA LEU E 67 -12.56 -13.39 -11.30
C LEU E 67 -12.27 -13.04 -12.76
N PHE E 68 -11.51 -11.96 -12.96
CA PHE E 68 -11.05 -11.52 -14.27
C PHE E 68 -9.60 -11.93 -14.46
N VAL E 69 -9.27 -12.51 -15.62
CA VAL E 69 -7.89 -12.92 -15.86
C VAL E 69 -6.98 -11.70 -16.02
N LYS E 70 -7.51 -10.60 -16.55
CA LYS E 70 -6.72 -9.38 -16.67
C LYS E 70 -6.24 -8.90 -15.30
N ASP E 71 -6.98 -9.25 -14.24
CA ASP E 71 -6.63 -8.90 -12.88
C ASP E 71 -5.38 -9.60 -12.40
N LEU E 72 -4.94 -10.63 -13.11
CA LEU E 72 -3.77 -11.42 -12.75
C LEU E 72 -2.57 -11.07 -13.60
N ALA E 73 -2.55 -9.87 -14.19
CA ALA E 73 -1.44 -9.50 -15.05
C ALA E 73 -0.23 -9.06 -14.21
N PHE E 74 -0.44 -8.17 -13.25
CA PHE E 74 0.65 -7.74 -12.37
C PHE E 74 1.02 -8.78 -11.32
N VAL E 75 0.36 -9.93 -11.31
CA VAL E 75 0.55 -10.93 -10.26
C VAL E 75 1.76 -11.80 -10.56
N ASP E 76 2.57 -12.06 -9.51
CA ASP E 76 3.69 -13.00 -9.48
C ASP E 76 3.30 -14.21 -8.66
N PRO E 77 3.72 -15.41 -9.06
CA PRO E 77 3.26 -16.62 -8.33
C PRO E 77 3.97 -16.90 -7.02
N ASP E 78 5.00 -16.15 -6.66
CA ASP E 78 5.78 -16.50 -5.47
C ASP E 78 5.16 -15.92 -4.19
N ASP E 79 4.66 -14.69 -4.27
CA ASP E 79 4.06 -14.05 -3.10
C ASP E 79 2.94 -14.88 -2.48
N CYS E 80 2.43 -15.88 -3.21
CA CYS E 80 1.32 -16.73 -2.75
C CYS E 80 0.13 -15.88 -2.33
N THR E 81 -0.30 -15.01 -3.22
CA THR E 81 -1.40 -14.10 -2.95
C THR E 81 -2.71 -14.89 -2.80
N PRO E 82 -3.48 -14.66 -1.74
CA PRO E 82 -4.80 -15.30 -1.63
C PRO E 82 -5.76 -14.69 -2.64
N LEU E 83 -6.76 -15.49 -3.02
CA LEU E 83 -7.77 -15.00 -3.96
C LEU E 83 -8.60 -13.90 -3.34
N LYS E 84 -8.83 -13.96 -2.02
CA LYS E 84 -9.71 -13.02 -1.36
C LYS E 84 -9.25 -11.58 -1.55
N THR E 85 -7.95 -11.35 -1.60
CA THR E 85 -7.44 -10.00 -1.81
C THR E 85 -7.96 -9.43 -3.13
N ILE E 86 -7.76 -10.19 -4.22
CA ILE E 86 -8.16 -9.72 -5.54
C ILE E 86 -9.68 -9.59 -5.62
N THR E 87 -10.41 -10.57 -5.08
CA THR E 87 -11.86 -10.53 -5.16
C THR E 87 -12.43 -9.34 -4.40
N LYS E 88 -11.96 -9.13 -3.16
CA LYS E 88 -12.46 -8.03 -2.36
C LYS E 88 -12.05 -6.69 -2.93
N PHE E 89 -10.88 -6.60 -3.57
CA PHE E 89 -10.47 -5.30 -4.13
C PHE E 89 -11.28 -4.97 -5.37
N TYR E 90 -11.31 -5.87 -6.36
CA TYR E 90 -11.98 -5.50 -7.61
C TYR E 90 -13.50 -5.52 -7.46
N ASN E 91 -14.05 -6.58 -6.87
CA ASN E 91 -15.47 -6.69 -6.54
C ASN E 91 -16.37 -6.47 -7.76
N HIS E 92 -16.18 -7.31 -8.77
CA HIS E 92 -16.98 -7.19 -9.99
C HIS E 92 -18.44 -7.55 -9.71
N PRO E 93 -19.37 -6.92 -10.43
CA PRO E 93 -20.80 -7.21 -10.24
C PRO E 93 -21.16 -8.63 -10.65
N LEU E 94 -22.23 -9.15 -10.06
CA LEU E 94 -22.71 -10.50 -10.33
C LEU E 94 -24.03 -10.42 -11.09
N HIS E 95 -24.05 -11.01 -12.29
CA HIS E 95 -25.22 -10.99 -13.17
C HIS E 95 -25.93 -12.32 -13.04
N PHE E 96 -27.22 -12.31 -12.68
CA PHE E 96 -28.01 -13.54 -12.59
C PHE E 96 -29.23 -13.45 -13.49
N VAL E 97 -29.47 -14.50 -14.27
CA VAL E 97 -30.58 -14.54 -15.20
C VAL E 97 -31.32 -15.88 -15.09
N PHE E 98 -32.64 -15.85 -15.32
CA PHE E 98 -33.46 -17.04 -15.23
C PHE E 98 -33.32 -17.93 -16.48
N ASN E 99 -33.69 -19.20 -16.30
CA ASN E 99 -33.52 -20.20 -17.35
C ASN E 99 -34.39 -19.95 -18.57
N ASP E 100 -35.62 -19.47 -18.38
CA ASP E 100 -36.54 -19.26 -19.49
C ASP E 100 -36.27 -17.97 -20.25
N THR E 101 -35.40 -17.10 -19.74
CA THR E 101 -35.10 -15.85 -20.41
C THR E 101 -34.61 -16.10 -21.84
N LYS E 102 -35.11 -15.32 -22.77
CA LYS E 102 -34.87 -15.53 -24.19
C LYS E 102 -33.62 -14.80 -24.66
N LEU E 103 -33.17 -15.15 -25.86
CA LEU E 103 -31.94 -14.60 -26.40
C LEU E 103 -32.02 -13.08 -26.52
N ASP E 104 -33.15 -12.55 -26.97
CA ASP E 104 -33.28 -11.10 -27.16
C ASP E 104 -33.18 -10.35 -25.83
N ALA E 105 -33.88 -10.84 -24.79
CA ALA E 105 -33.83 -10.18 -23.49
C ALA E 105 -32.44 -10.25 -22.90
N MET E 106 -31.81 -11.43 -22.97
CA MET E 106 -30.42 -11.54 -22.54
C MET E 106 -29.50 -10.58 -23.27
N LEU E 107 -29.68 -10.45 -24.57
CA LEU E 107 -28.76 -9.63 -25.32
C LEU E 107 -28.95 -8.16 -24.94
N GLU E 108 -30.20 -7.76 -24.68
CA GLU E 108 -30.45 -6.42 -24.15
C GLU E 108 -29.78 -6.23 -22.79
N GLU E 109 -29.83 -7.26 -21.94
CA GLU E 109 -29.20 -7.16 -20.61
C GLU E 109 -27.68 -7.09 -20.67
N PHE E 110 -27.06 -7.72 -21.68
CA PHE E 110 -25.61 -7.66 -21.77
C PHE E 110 -25.12 -6.32 -22.29
N LYS E 111 -26.00 -5.54 -22.89
CA LYS E 111 -25.58 -4.35 -23.60
C LYS E 111 -24.95 -3.35 -22.62
N LYS E 112 -24.28 -2.33 -23.16
CA LYS E 112 -23.54 -1.28 -22.48
C LYS E 112 -22.13 -1.73 -22.10
N GLY E 113 -21.83 -3.03 -22.14
CA GLY E 113 -20.52 -3.49 -21.76
C GLY E 113 -20.25 -3.54 -20.27
N LYS E 114 -21.27 -3.36 -19.45
CA LYS E 114 -21.10 -3.45 -18.01
C LYS E 114 -20.96 -4.89 -17.54
N SER E 115 -21.25 -5.87 -18.40
CA SER E 115 -21.09 -7.27 -18.06
C SER E 115 -20.92 -8.07 -19.35
N HIS E 116 -20.26 -9.22 -19.22
CA HIS E 116 -20.07 -10.14 -20.32
C HIS E 116 -20.41 -11.57 -19.94
N LEU E 117 -20.55 -11.87 -18.66
CA LEU E 117 -20.87 -13.21 -18.22
C LEU E 117 -21.98 -13.11 -17.18
N ALA E 118 -23.04 -13.86 -17.38
CA ALA E 118 -24.11 -13.97 -16.41
C ALA E 118 -24.26 -15.43 -16.07
N ILE E 119 -24.85 -15.72 -14.93
CA ILE E 119 -25.09 -17.10 -14.53
C ILE E 119 -26.57 -17.37 -14.58
N VAL E 120 -26.93 -18.42 -15.32
CA VAL E 120 -28.31 -18.86 -15.46
C VAL E 120 -28.66 -19.69 -14.23
N GLN E 121 -29.66 -19.23 -13.51
CA GLN E 121 -30.18 -19.91 -12.33
C GLN E 121 -31.62 -20.31 -12.59
N ARG E 122 -32.04 -21.39 -11.96
CA ARG E 122 -33.37 -21.95 -12.15
C ARG E 122 -34.14 -21.83 -10.85
N VAL E 123 -35.44 -21.57 -10.96
CA VAL E 123 -36.32 -21.50 -9.81
C VAL E 123 -36.80 -22.90 -9.47
N ASN E 124 -36.74 -23.24 -8.19
CA ASN E 124 -37.15 -24.56 -7.72
C ASN E 124 -37.40 -24.54 -6.21
N PHE E 132 -36.21 -20.60 -3.15
CA PHE E 132 -34.91 -21.25 -3.26
C PHE E 132 -34.44 -21.27 -4.72
N TYR E 133 -33.88 -20.14 -5.15
CA TYR E 133 -33.36 -20.04 -6.49
C TYR E 133 -32.09 -20.89 -6.61
N GLU E 134 -32.04 -21.71 -7.66
CA GLU E 134 -30.97 -22.69 -7.86
C GLU E 134 -30.18 -22.35 -9.12
N VAL E 135 -28.87 -22.30 -8.98
CA VAL E 135 -27.98 -21.99 -10.11
C VAL E 135 -27.77 -23.25 -10.95
N LEU E 136 -28.04 -23.12 -12.25
CA LEU E 136 -27.89 -24.22 -13.21
C LEU E 136 -26.60 -24.14 -14.02
N GLY E 137 -26.17 -22.95 -14.43
CA GLY E 137 -25.01 -22.85 -15.29
C GLY E 137 -24.64 -21.41 -15.55
N ILE E 138 -23.80 -21.19 -16.56
CA ILE E 138 -23.39 -19.84 -16.94
C ILE E 138 -23.61 -19.62 -18.43
N VAL E 139 -23.82 -18.36 -18.80
CA VAL E 139 -23.99 -17.93 -20.18
C VAL E 139 -23.14 -16.68 -20.38
N THR E 140 -22.63 -16.52 -21.60
CA THR E 140 -21.78 -15.39 -21.93
C THR E 140 -22.31 -14.69 -23.17
N LEU E 141 -21.83 -13.46 -23.38
CA LEU E 141 -22.09 -12.77 -24.63
C LEU E 141 -21.61 -13.62 -25.79
N GLU E 142 -20.49 -14.33 -25.59
CA GLU E 142 -19.95 -15.22 -26.61
C GLU E 142 -20.95 -16.27 -27.03
N ASP E 143 -21.71 -16.81 -26.08
CA ASP E 143 -22.66 -17.89 -26.38
C ASP E 143 -23.80 -17.39 -27.27
N VAL E 144 -24.40 -16.26 -26.92
CA VAL E 144 -25.50 -15.75 -27.71
C VAL E 144 -25.01 -15.38 -29.10
N ILE E 145 -23.79 -14.84 -29.19
CA ILE E 145 -23.28 -14.44 -30.50
C ILE E 145 -22.97 -15.66 -31.36
N GLU E 146 -22.43 -16.72 -30.75
CA GLU E 146 -22.17 -17.94 -31.50
C GLU E 146 -23.47 -18.57 -32.00
N GLU E 147 -24.52 -18.52 -31.19
CA GLU E 147 -25.81 -19.02 -31.64
C GLU E 147 -26.35 -18.18 -32.79
N ILE E 148 -26.24 -16.84 -32.68
CA ILE E 148 -26.78 -15.97 -33.72
C ILE E 148 -26.03 -16.15 -35.04
N ILE E 149 -24.71 -16.30 -34.98
CA ILE E 149 -23.94 -16.48 -36.21
C ILE E 149 -24.16 -17.88 -36.78
N LYS E 150 -24.39 -18.88 -35.92
CA LYS E 150 -24.57 -20.24 -36.43
C LYS E 150 -25.83 -20.39 -37.27
N SER E 151 -26.90 -19.69 -36.92
CA SER E 151 -28.09 -19.71 -37.76
C SER E 151 -27.98 -18.68 -38.90
N GLU E 152 -26.78 -18.55 -39.49
CA GLU E 152 -26.41 -17.58 -40.53
C GLU E 152 -27.55 -16.69 -40.99
N ILE E 153 -27.82 -15.66 -40.21
CA ILE E 153 -28.78 -14.63 -40.59
C ILE E 153 -27.94 -13.46 -41.06
N LEU E 154 -27.29 -13.64 -42.20
CA LEU E 154 -26.29 -12.71 -42.74
C LEU E 154 -26.69 -11.24 -42.78
N ASP F 4 -42.81 -2.46 -11.13
CA ASP F 4 -42.17 -3.39 -10.22
C ASP F 4 -40.78 -2.90 -9.82
N LEU F 5 -40.58 -2.72 -8.51
CA LEU F 5 -39.34 -2.20 -7.97
C LEU F 5 -38.84 -3.11 -6.84
N VAL F 6 -37.57 -2.93 -6.48
CA VAL F 6 -36.92 -3.69 -5.43
C VAL F 6 -36.33 -2.72 -4.41
N CYS F 7 -36.37 -3.11 -3.14
CA CYS F 7 -35.86 -2.29 -2.05
C CYS F 7 -34.75 -3.04 -1.33
N ILE F 8 -33.56 -2.43 -1.30
CA ILE F 8 -32.39 -3.02 -0.65
C ILE F 8 -31.79 -2.00 0.30
N GLY F 9 -31.32 -2.47 1.45
CA GLY F 9 -30.70 -1.60 2.43
C GLY F 9 -29.91 -2.39 3.44
N LEU F 10 -29.09 -1.68 4.19
CA LEU F 10 -28.26 -2.30 5.23
C LEU F 10 -29.11 -2.68 6.43
N THR F 11 -29.56 -1.67 7.16
CA THR F 11 -30.40 -1.92 8.32
C THR F 11 -31.68 -2.61 7.87
N GLY F 12 -31.84 -3.87 8.23
CA GLY F 12 -33.04 -4.58 7.84
C GLY F 12 -34.25 -3.91 8.46
N SER F 13 -34.08 -3.50 9.71
CA SER F 13 -35.09 -2.73 10.42
C SER F 13 -35.59 -1.57 9.57
N GLY F 14 -34.66 -0.70 9.15
CA GLY F 14 -35.06 0.52 8.46
C GLY F 14 -35.97 0.32 7.27
N LYS F 15 -35.64 -0.65 6.40
CA LYS F 15 -36.51 -0.93 5.25
C LYS F 15 -37.83 -1.59 5.68
N THR F 16 -37.77 -2.52 6.64
CA THR F 16 -39.00 -3.23 7.01
C THR F 16 -39.95 -2.38 7.83
N SER F 17 -39.43 -1.35 8.52
CA SER F 17 -40.20 -0.36 9.25
C SER F 17 -40.74 0.73 8.32
N LEU F 18 -39.90 1.16 7.38
CA LEU F 18 -40.30 2.19 6.42
C LEU F 18 -41.40 1.72 5.49
N LEU F 19 -41.44 0.43 5.14
CA LEU F 19 -42.48 -0.01 4.21
C LEU F 19 -43.86 0.05 4.83
N SER F 20 -43.98 -0.28 6.12
CA SER F 20 -45.30 -0.39 6.73
C SER F 20 -45.99 0.97 6.80
N LYS F 21 -45.26 1.99 7.23
CA LYS F 21 -45.82 3.34 7.23
C LYS F 21 -46.27 3.74 5.83
N LEU F 22 -45.40 3.57 4.84
CA LEU F 22 -45.71 3.90 3.45
C LEU F 22 -47.01 3.25 2.96
N PHE F 36 -36.67 -12.21 1.58
CA PHE F 36 -37.30 -11.32 0.60
C PHE F 36 -38.81 -11.36 0.77
N SER F 37 -39.51 -10.39 0.19
CA SER F 37 -40.96 -10.30 0.27
C SER F 37 -41.46 -9.32 -0.79
N ILE F 38 -42.78 -9.32 -0.98
CA ILE F 38 -43.43 -8.47 -1.97
C ILE F 38 -44.50 -7.64 -1.26
N LYS F 39 -44.55 -6.35 -1.59
CA LYS F 39 -45.58 -5.44 -1.09
C LYS F 39 -45.71 -4.25 -2.04
N ALA F 40 -46.84 -3.55 -1.93
CA ALA F 40 -47.11 -2.38 -2.74
C ALA F 40 -46.90 -1.10 -1.96
N PHE F 43 -49.18 3.46 -5.91
CA PHE F 43 -49.88 4.40 -5.03
C PHE F 43 -50.84 5.29 -5.82
N GLN F 44 -50.32 6.40 -6.34
CA GLN F 44 -51.18 7.37 -7.03
C GLN F 44 -51.72 6.80 -8.34
N ASN F 45 -50.88 6.11 -9.11
CA ASN F 45 -51.26 5.62 -10.42
C ASN F 45 -51.15 4.11 -10.59
N ALA F 46 -50.38 3.42 -9.76
CA ALA F 46 -50.21 1.98 -9.91
C ALA F 46 -49.89 1.32 -8.57
N GLU F 52 -38.49 -6.36 -1.06
CA GLU F 52 -37.51 -5.96 -0.06
C GLU F 52 -36.58 -7.12 0.29
N LEU F 53 -35.28 -6.95 0.04
CA LEU F 53 -34.29 -7.97 0.34
C LEU F 53 -33.71 -7.78 1.73
N GLY F 54 -33.21 -8.88 2.29
CA GLY F 54 -32.64 -8.84 3.62
C GLY F 54 -31.36 -8.03 3.68
N GLY F 55 -31.05 -7.54 4.89
CA GLY F 55 -29.88 -6.73 5.11
C GLY F 55 -28.72 -7.41 5.81
N ALA F 56 -28.82 -8.71 6.09
CA ALA F 56 -27.72 -9.42 6.74
C ALA F 56 -26.54 -9.52 5.78
N ASP F 57 -25.34 -9.65 6.36
CA ASP F 57 -24.11 -9.58 5.57
C ASP F 57 -24.10 -10.63 4.47
N ASN F 58 -24.48 -11.87 4.82
CA ASN F 58 -24.55 -12.93 3.82
C ASN F 58 -25.61 -12.58 2.79
N ILE F 59 -26.73 -12.01 3.23
CA ILE F 59 -27.75 -11.66 2.27
C ILE F 59 -27.28 -10.47 1.45
N ARG F 60 -26.40 -9.63 2.00
CA ARG F 60 -25.83 -8.56 1.19
C ARG F 60 -25.01 -9.14 0.04
N LYS F 61 -24.27 -10.21 0.31
CA LYS F 61 -23.54 -10.88 -0.76
C LYS F 61 -24.50 -11.54 -1.76
N TYR F 62 -25.66 -12.00 -1.27
CA TYR F 62 -26.58 -12.75 -2.11
C TYR F 62 -27.66 -11.88 -2.77
N TRP F 63 -27.64 -10.57 -2.52
CA TRP F 63 -28.59 -9.66 -3.18
C TRP F 63 -28.66 -9.87 -4.69
N SER F 64 -27.50 -10.05 -5.33
CA SER F 64 -27.47 -10.04 -6.79
C SER F 64 -28.31 -11.15 -7.41
N ARG F 65 -28.86 -12.06 -6.59
CA ARG F 65 -29.70 -13.13 -7.11
C ARG F 65 -31.13 -12.69 -7.39
N TYR F 66 -31.57 -11.56 -6.82
CA TYR F 66 -32.97 -11.19 -6.86
C TYR F 66 -33.28 -9.97 -7.72
N TYR F 67 -32.27 -9.24 -8.21
CA TYR F 67 -32.50 -7.96 -8.90
C TYR F 67 -33.21 -8.09 -10.25
N GLN F 68 -33.42 -9.30 -10.76
CA GLN F 68 -33.66 -9.49 -12.19
C GLN F 68 -34.86 -8.68 -12.69
N GLY F 69 -36.05 -8.93 -12.16
CA GLY F 69 -37.19 -8.17 -12.65
C GLY F 69 -37.36 -6.85 -11.91
N SER F 70 -36.83 -5.76 -12.47
CA SER F 70 -36.94 -4.48 -11.80
C SER F 70 -36.98 -3.33 -12.78
N GLN F 71 -37.77 -2.31 -12.44
CA GLN F 71 -37.82 -1.05 -13.17
C GLN F 71 -37.38 0.12 -12.33
N GLY F 72 -37.05 -0.11 -11.06
CA GLY F 72 -36.58 0.95 -10.18
C GLY F 72 -36.18 0.34 -8.85
N VAL F 73 -35.32 1.07 -8.13
CA VAL F 73 -34.81 0.61 -6.85
C VAL F 73 -35.02 1.69 -5.79
N ILE F 74 -35.22 1.24 -4.55
CA ILE F 74 -35.28 2.11 -3.38
C ILE F 74 -34.20 1.65 -2.41
N PHE F 75 -33.10 2.40 -2.35
CA PHE F 75 -31.99 2.11 -1.46
C PHE F 75 -32.18 2.89 -0.15
N VAL F 76 -32.12 2.18 0.97
CA VAL F 76 -32.30 2.78 2.29
C VAL F 76 -30.98 2.70 3.03
N LEU F 77 -30.58 3.82 3.63
CA LEU F 77 -29.36 3.89 4.43
C LEU F 77 -29.66 4.60 5.75
N ASP F 78 -29.04 4.12 6.82
CA ASP F 78 -29.21 4.70 8.15
C ASP F 78 -28.21 5.85 8.31
N SER F 79 -28.73 7.08 8.39
CA SER F 79 -27.87 8.25 8.48
C SER F 79 -27.17 8.37 9.82
N ALA F 80 -27.72 7.78 10.88
CA ALA F 80 -27.16 7.85 12.22
C ALA F 80 -26.03 6.85 12.47
N SER F 81 -25.80 5.91 11.56
CA SER F 81 -24.88 4.81 11.81
C SER F 81 -23.43 5.30 11.92
N SER F 82 -22.57 4.38 12.37
CA SER F 82 -21.16 4.64 12.58
C SER F 82 -20.42 4.78 11.24
N GLU F 83 -19.19 5.31 11.32
CA GLU F 83 -18.42 5.56 10.10
C GLU F 83 -18.12 4.29 9.32
N ASP F 84 -17.80 3.19 10.02
CA ASP F 84 -17.49 1.93 9.34
C ASP F 84 -18.74 1.33 8.69
N ASP F 85 -19.86 1.31 9.42
CA ASP F 85 -21.10 0.80 8.84
C ASP F 85 -21.58 1.66 7.69
N LEU F 86 -21.44 2.98 7.82
CA LEU F 86 -21.82 3.87 6.73
C LEU F 86 -20.92 3.68 5.52
N GLU F 87 -19.62 3.41 5.75
CA GLU F 87 -18.73 3.11 4.65
C GLU F 87 -19.13 1.83 3.93
N ALA F 88 -19.49 0.80 4.70
CA ALA F 88 -19.98 -0.44 4.09
C ALA F 88 -21.25 -0.18 3.28
N ALA F 89 -22.13 0.67 3.80
CA ALA F 89 -23.34 1.04 3.07
C ALA F 89 -22.97 1.74 1.76
N ARG F 90 -21.93 2.59 1.81
CA ARG F 90 -21.46 3.26 0.61
C ARG F 90 -20.96 2.26 -0.42
N ASN F 91 -20.21 1.25 0.02
CA ASN F 91 -19.74 0.23 -0.91
C ASN F 91 -20.92 -0.52 -1.53
N GLU F 92 -21.94 -0.83 -0.74
CA GLU F 92 -23.09 -1.53 -1.29
C GLU F 92 -23.83 -0.65 -2.29
N LEU F 93 -23.96 0.64 -1.98
CA LEU F 93 -24.58 1.58 -2.90
C LEU F 93 -23.80 1.66 -4.22
N HIS F 94 -22.48 1.69 -4.14
CA HIS F 94 -21.67 1.72 -5.35
C HIS F 94 -21.81 0.43 -6.15
N SER F 95 -21.91 -0.71 -5.46
CA SER F 95 -22.13 -1.97 -6.17
C SER F 95 -23.47 -1.95 -6.89
N ALA F 96 -24.50 -1.37 -6.27
CA ALA F 96 -25.81 -1.29 -6.91
C ALA F 96 -25.81 -0.29 -8.06
N LEU F 97 -25.07 0.81 -7.93
CA LEU F 97 -25.05 1.83 -8.96
C LEU F 97 -24.39 1.34 -10.24
N GLN F 98 -23.34 0.54 -10.12
CA GLN F 98 -22.59 0.05 -11.27
C GLN F 98 -23.03 -1.35 -11.70
N HIS F 99 -24.10 -1.86 -11.12
CA HIS F 99 -24.62 -3.16 -11.54
C HIS F 99 -25.27 -3.02 -12.91
N PRO F 100 -24.99 -3.92 -13.86
CA PRO F 100 -25.54 -3.75 -15.21
C PRO F 100 -27.05 -3.77 -15.24
N GLN F 101 -27.69 -4.54 -14.37
CA GLN F 101 -29.14 -4.60 -14.31
C GLN F 101 -29.75 -3.35 -13.68
N LEU F 102 -28.96 -2.54 -12.98
CA LEU F 102 -29.48 -1.39 -12.26
C LEU F 102 -28.95 -0.05 -12.73
N CYS F 103 -27.91 0.00 -13.55
CA CYS F 103 -27.33 1.28 -13.94
C CYS F 103 -28.30 2.10 -14.77
N THR F 104 -29.13 1.43 -15.58
CA THR F 104 -30.11 2.09 -16.42
C THR F 104 -31.42 2.39 -15.70
N LEU F 105 -31.56 1.97 -14.44
CA LEU F 105 -32.78 2.08 -13.66
C LEU F 105 -32.80 3.36 -12.83
N PRO F 106 -33.99 3.81 -12.43
CA PRO F 106 -34.07 4.96 -11.51
C PRO F 106 -33.74 4.55 -10.09
N PHE F 107 -33.17 5.50 -9.36
CA PHE F 107 -32.67 5.24 -8.01
C PHE F 107 -33.24 6.25 -7.03
N LEU F 108 -33.75 5.74 -5.92
CA LEU F 108 -34.21 6.56 -4.81
C LEU F 108 -33.32 6.23 -3.62
N ILE F 109 -32.64 7.24 -3.09
CA ILE F 109 -31.73 7.09 -1.96
C ILE F 109 -32.30 7.92 -0.83
N LEU F 110 -32.60 7.27 0.28
CA LEU F 110 -33.27 7.95 1.38
C LEU F 110 -32.42 7.96 2.65
N HIS F 113 -34.17 8.71 9.17
CA HIS F 113 -34.58 9.33 10.43
C HIS F 113 -33.54 10.33 10.90
N GLN F 114 -33.75 11.61 10.58
CA GLN F 114 -32.89 12.67 11.05
C GLN F 114 -33.24 13.14 12.45
N ASP F 115 -34.21 12.48 13.10
CA ASP F 115 -34.52 12.79 14.49
C ASP F 115 -33.39 12.36 15.42
N LYS F 116 -32.60 11.37 15.02
CA LYS F 116 -31.46 10.97 15.83
C LYS F 116 -30.40 12.06 15.83
N PRO F 117 -29.75 12.31 16.96
CA PRO F 117 -28.78 13.43 17.00
C PRO F 117 -27.53 13.18 16.17
N ALA F 118 -27.04 11.93 16.14
CA ALA F 118 -25.81 11.62 15.42
C ALA F 118 -26.01 11.54 13.91
N ALA F 119 -27.22 11.76 13.41
CA ALA F 119 -27.47 11.69 11.98
C ALA F 119 -26.82 12.87 11.28
N ARG F 120 -25.98 12.60 10.28
CA ARG F 120 -25.34 13.66 9.53
C ARG F 120 -26.37 14.36 8.63
N SER F 121 -25.95 15.51 8.10
CA SER F 121 -26.76 16.19 7.11
C SER F 121 -26.69 15.44 5.78
N VAL F 122 -27.66 15.73 4.91
CA VAL F 122 -27.69 15.10 3.59
C VAL F 122 -26.45 15.49 2.80
N GLN F 123 -25.97 16.72 2.99
CA GLN F 123 -24.77 17.18 2.29
C GLN F 123 -23.53 16.41 2.71
N GLU F 124 -23.44 16.04 4.00
CA GLU F 124 -22.29 15.24 4.44
C GLU F 124 -22.32 13.85 3.81
N ILE F 125 -23.50 13.26 3.70
CA ILE F 125 -23.62 11.96 3.03
C ILE F 125 -23.25 12.10 1.56
N LYS F 126 -23.65 13.20 0.94
CA LYS F 126 -23.30 13.44 -0.46
C LYS F 126 -21.80 13.61 -0.62
N LYS F 127 -21.15 14.30 0.31
CA LYS F 127 -19.72 14.55 0.20
C LYS F 127 -18.91 13.27 0.40
N TYR F 128 -19.33 12.41 1.33
CA TYR F 128 -18.57 11.18 1.54
C TYR F 128 -18.90 10.12 0.51
N PHE F 129 -20.10 10.14 -0.05
CA PHE F 129 -20.50 9.16 -1.07
C PHE F 129 -19.97 9.51 -2.45
N GLU F 130 -19.41 10.71 -2.62
CA GLU F 130 -18.87 11.18 -3.91
C GLU F 130 -19.90 11.09 -5.03
N LEU F 131 -21.17 11.29 -4.69
CA LEU F 131 -22.24 11.32 -5.67
C LEU F 131 -22.43 12.68 -6.33
N GLU F 132 -21.74 13.72 -5.86
CA GLU F 132 -21.91 15.03 -6.46
C GLU F 132 -21.36 15.09 -7.88
N PRO F 133 -20.13 14.65 -8.17
CA PRO F 133 -19.67 14.68 -9.57
C PRO F 133 -20.38 13.65 -10.45
N LEU F 134 -20.57 12.43 -9.94
CA LEU F 134 -21.05 11.33 -10.76
C LEU F 134 -22.53 11.45 -11.09
N ALA F 135 -23.37 11.77 -10.10
CA ALA F 135 -24.82 11.69 -10.29
C ALA F 135 -25.33 12.87 -11.11
N ARG F 136 -24.92 12.89 -12.38
CA ARG F 136 -25.38 13.87 -13.35
C ARG F 136 -25.89 13.13 -14.57
N GLY F 137 -27.04 13.55 -15.08
CA GLY F 137 -27.61 12.95 -16.26
C GLY F 137 -28.32 11.63 -16.02
N LYS F 138 -28.37 11.16 -14.77
CA LYS F 138 -29.02 9.90 -14.46
C LYS F 138 -30.15 10.15 -13.48
N ARG F 139 -31.13 9.25 -13.52
CA ARG F 139 -32.33 9.35 -12.69
C ARG F 139 -32.07 8.78 -11.29
N TRP F 140 -31.32 9.55 -10.51
CA TRP F 140 -31.04 9.28 -9.11
C TRP F 140 -31.48 10.46 -8.26
N ILE F 141 -32.12 10.21 -7.13
CA ILE F 141 -32.61 11.27 -6.25
C ILE F 141 -32.37 10.88 -4.80
N LEU F 142 -31.73 11.79 -4.04
CA LEU F 142 -31.45 11.60 -2.61
C LEU F 142 -32.36 12.52 -1.81
N GLN F 143 -33.26 11.93 -1.03
CA GLN F 143 -34.24 12.70 -0.26
C GLN F 143 -34.23 12.30 1.21
N PRO F 144 -34.47 13.27 2.10
CA PRO F 144 -34.52 12.97 3.53
C PRO F 144 -35.82 12.31 3.95
N CYS F 145 -35.73 11.54 5.04
CA CYS F 145 -36.90 10.87 5.61
C CYS F 145 -36.72 10.72 7.11
N SER F 146 -37.82 10.82 7.83
CA SER F 146 -37.82 10.66 9.29
C SER F 146 -39.04 9.88 9.78
N ASP F 149 -42.23 12.45 9.44
CA ASP F 149 -42.50 13.05 8.14
C ASP F 149 -42.98 12.00 7.13
N MET F 150 -44.27 12.07 6.80
CA MET F 150 -44.85 11.20 5.80
C MET F 150 -45.03 11.85 4.44
N ASP F 151 -45.38 13.14 4.40
CA ASP F 151 -45.62 13.80 3.13
C ASP F 151 -44.34 13.86 2.30
N ALA F 152 -43.19 14.02 2.97
CA ALA F 152 -41.92 14.04 2.26
C ALA F 152 -41.65 12.70 1.58
N LEU F 153 -41.98 11.59 2.25
CA LEU F 153 -41.83 10.28 1.61
C LEU F 153 -42.73 10.17 0.39
N LYS F 154 -43.96 10.67 0.50
CA LYS F 154 -44.86 10.64 -0.65
C LYS F 154 -44.30 11.48 -1.79
N ASP F 155 -43.72 12.64 -1.49
CA ASP F 155 -43.16 13.50 -2.53
C ASP F 155 -41.92 12.85 -3.18
N SER F 156 -41.09 12.18 -2.38
CA SER F 156 -39.97 11.46 -2.95
C SER F 156 -40.45 10.36 -3.88
N PHE F 157 -41.50 9.64 -3.48
CA PHE F 157 -42.11 8.64 -4.36
C PHE F 157 -42.74 9.28 -5.59
N SER F 158 -43.25 10.51 -5.46
CA SER F 158 -43.82 11.20 -6.62
C SER F 158 -42.73 11.54 -7.64
N GLN F 159 -41.58 12.02 -7.15
CA GLN F 159 -40.45 12.26 -8.05
C GLN F 159 -39.96 10.95 -8.65
N LEU F 160 -39.92 9.89 -7.85
CA LEU F 160 -39.52 8.58 -8.35
C LEU F 160 -40.48 8.07 -9.42
N ILE F 161 -41.79 8.29 -9.23
CA ILE F 161 -42.78 7.90 -10.22
C ILE F 161 -42.67 8.75 -11.47
N ASN F 162 -42.32 10.03 -11.32
CA ASN F 162 -42.08 10.87 -12.50
C ASN F 162 -40.89 10.36 -13.30
N LEU F 163 -39.84 9.91 -12.60
CA LEU F 163 -38.69 9.31 -13.27
C LEU F 163 -39.03 7.95 -13.88
N LEU F 164 -39.84 7.14 -13.20
CA LEU F 164 -40.27 5.86 -13.74
C LEU F 164 -41.11 6.05 -14.99
N GLU F 165 -42.03 7.01 -14.97
CA GLU F 165 -42.84 7.33 -16.14
C GLU F 165 -42.00 7.96 -17.23
N GLU F 166 -40.88 8.60 -16.86
CA GLU F 166 -39.89 9.01 -17.86
C GLU F 166 -39.51 7.83 -18.75
N LYS F 167 -39.47 6.64 -18.19
CA LYS F 167 -39.33 5.41 -18.96
C LYS F 167 -40.69 4.99 -19.53
N ASN G 5 -43.02 -9.51 -43.59
CA ASN G 5 -42.97 -8.97 -42.24
C ASN G 5 -41.57 -9.11 -41.66
N ILE G 6 -41.21 -10.36 -41.35
CA ILE G 6 -39.94 -10.65 -40.70
C ILE G 6 -38.79 -10.60 -41.69
N ILE G 7 -38.98 -11.20 -42.88
CA ILE G 7 -37.87 -11.38 -43.84
C ILE G 7 -37.38 -10.03 -44.36
N GLN G 8 -38.29 -9.14 -44.75
CA GLN G 8 -37.89 -7.84 -45.27
C GLN G 8 -36.95 -7.10 -44.32
N GLY G 9 -37.33 -7.04 -43.04
CA GLY G 9 -36.49 -6.36 -42.07
C GLY G 9 -35.12 -7.00 -41.92
N ALA G 10 -35.08 -8.34 -41.85
CA ALA G 10 -33.82 -9.06 -41.80
C ALA G 10 -32.94 -8.74 -43.00
N LEU G 11 -33.55 -8.61 -44.18
CA LEU G 11 -32.79 -8.22 -45.37
C LEU G 11 -32.23 -6.81 -45.22
N GLU G 12 -33.04 -5.90 -44.66
CA GLU G 12 -32.57 -4.53 -44.43
C GLU G 12 -31.39 -4.54 -43.47
N LEU G 13 -31.43 -5.41 -42.46
CA LEU G 13 -30.32 -5.50 -41.52
C LEU G 13 -29.08 -6.08 -42.20
N ARG G 14 -29.27 -7.09 -43.05
CA ARG G 14 -28.14 -7.70 -43.75
C ARG G 14 -27.47 -6.71 -44.69
N THR G 15 -28.26 -5.84 -45.32
CA THR G 15 -27.68 -4.82 -46.21
C THR G 15 -26.95 -3.74 -45.44
N LYS G 16 -27.33 -3.50 -44.18
CA LYS G 16 -26.86 -2.34 -43.45
C LYS G 16 -25.37 -2.47 -43.11
N THR G 17 -24.66 -1.35 -43.21
CA THR G 17 -23.25 -1.27 -42.87
C THR G 17 -23.06 -0.43 -41.61
N VAL G 18 -21.83 -0.45 -41.10
CA VAL G 18 -21.52 0.31 -39.88
C VAL G 18 -21.66 1.81 -40.11
N GLU G 19 -21.37 2.29 -41.32
CA GLU G 19 -21.54 3.71 -41.61
C GLU G 19 -22.98 4.16 -41.45
N ASP G 20 -23.94 3.27 -41.74
CA ASP G 20 -25.34 3.61 -41.59
C ASP G 20 -25.74 3.79 -40.13
N VAL G 21 -25.22 2.91 -39.25
CA VAL G 21 -25.62 2.92 -37.84
C VAL G 21 -24.67 3.68 -36.94
N MET G 22 -23.51 4.08 -37.44
CA MET G 22 -22.56 4.81 -36.63
C MET G 22 -23.09 6.22 -36.33
N THR G 23 -22.57 6.81 -35.26
CA THR G 23 -22.80 8.22 -35.00
C THR G 23 -21.63 9.01 -35.59
N PRO G 24 -21.88 9.92 -36.53
CA PRO G 24 -20.76 10.61 -37.19
C PRO G 24 -19.95 11.44 -36.20
N LEU G 25 -18.72 11.78 -36.61
CA LEU G 25 -17.78 12.41 -35.71
C LEU G 25 -18.30 13.76 -35.21
N ARG G 26 -19.11 14.45 -36.03
CA ARG G 26 -19.64 15.74 -35.61
C ARG G 26 -20.57 15.59 -34.42
N ASP G 27 -21.24 14.44 -34.30
CA ASP G 27 -22.15 14.17 -33.19
C ASP G 27 -21.45 13.51 -32.01
N CYS G 28 -20.22 13.01 -32.19
CA CYS G 28 -19.54 12.28 -31.14
C CYS G 28 -19.02 13.25 -30.08
N PHE G 29 -19.36 12.98 -28.81
CA PHE G 29 -18.80 13.75 -27.71
C PHE G 29 -17.41 13.22 -27.40
N MET G 30 -16.41 14.07 -27.54
CA MET G 30 -15.01 13.66 -27.36
C MET G 30 -14.36 14.57 -26.33
N ILE G 31 -13.05 14.36 -26.12
CA ILE G 31 -12.29 15.14 -25.16
C ILE G 31 -10.83 15.07 -25.58
N THR G 32 -10.12 16.18 -25.38
CA THR G 32 -8.74 16.29 -25.83
C THR G 32 -7.79 15.60 -24.86
N GLY G 33 -6.63 15.21 -25.38
CA GLY G 33 -5.61 14.60 -24.54
C GLY G 33 -5.05 15.56 -23.51
N GLU G 34 -5.05 16.85 -23.82
CA GLU G 34 -4.52 17.87 -22.91
C GLU G 34 -5.49 18.18 -21.77
N ALA G 35 -6.70 17.64 -21.80
CA ALA G 35 -7.72 18.06 -20.85
C ALA G 35 -7.33 17.72 -19.42
N ILE G 36 -7.89 18.49 -18.49
CA ILE G 36 -7.70 18.28 -17.06
C ILE G 36 -9.08 17.99 -16.48
N LEU G 37 -9.16 16.94 -15.66
CA LEU G 37 -10.45 16.46 -15.16
C LEU G 37 -10.87 17.28 -13.94
N ASP G 38 -11.13 18.56 -14.18
CA ASP G 38 -11.64 19.43 -13.15
C ASP G 38 -13.15 19.20 -13.02
N PHE G 39 -13.76 19.87 -12.03
CA PHE G 39 -15.18 19.66 -11.77
C PHE G 39 -16.02 19.98 -13.00
N ASN G 40 -15.67 21.06 -13.71
CA ASN G 40 -16.47 21.48 -14.86
C ASN G 40 -16.36 20.46 -16.00
N THR G 41 -15.14 20.03 -16.30
CA THR G 41 -14.95 19.06 -17.38
C THR G 41 -15.59 17.72 -17.01
N MET G 42 -15.44 17.29 -15.76
CA MET G 42 -16.03 16.03 -15.33
C MET G 42 -17.55 16.11 -15.40
N SER G 43 -18.12 17.28 -15.11
CA SER G 43 -19.56 17.44 -15.24
C SER G 43 -19.99 17.36 -16.69
N GLU G 44 -19.21 17.98 -17.59
CA GLU G 44 -19.55 17.91 -19.01
C GLU G 44 -19.50 16.48 -19.49
N ILE G 45 -18.55 15.69 -18.99
CA ILE G 45 -18.48 14.28 -19.35
C ILE G 45 -19.69 13.54 -18.80
N MET G 46 -20.04 13.78 -17.53
CA MET G 46 -21.13 13.06 -16.90
C MET G 46 -22.49 13.41 -17.51
N GLU G 47 -22.58 14.52 -18.24
CA GLU G 47 -23.85 14.92 -18.82
C GLU G 47 -24.11 14.32 -20.19
N SER G 48 -23.06 13.98 -20.95
CA SER G 48 -23.23 13.49 -22.31
C SER G 48 -23.91 12.13 -22.37
N GLY G 49 -23.90 11.36 -21.29
CA GLY G 49 -24.51 10.05 -21.27
C GLY G 49 -23.72 8.95 -21.93
N TYR G 50 -22.73 9.27 -22.74
CA TYR G 50 -21.89 8.25 -23.37
C TYR G 50 -21.06 7.53 -22.32
N THR G 51 -21.03 6.20 -22.40
CA THR G 51 -20.26 5.42 -21.44
C THR G 51 -18.77 5.37 -21.82
N ARG G 52 -18.46 5.50 -23.10
CA ARG G 52 -17.08 5.48 -23.58
C ARG G 52 -16.84 6.64 -24.52
N ILE G 53 -15.79 7.41 -24.24
CA ILE G 53 -15.48 8.64 -24.97
C ILE G 53 -14.12 8.46 -25.62
N PRO G 54 -13.99 8.65 -26.93
CA PRO G 54 -12.66 8.63 -27.55
C PRO G 54 -11.85 9.84 -27.10
N VAL G 55 -10.56 9.61 -26.87
CA VAL G 55 -9.65 10.64 -26.40
C VAL G 55 -8.64 10.91 -27.52
N PHE G 56 -8.66 12.13 -28.02
CA PHE G 56 -7.86 12.58 -29.15
C PHE G 56 -6.80 13.56 -28.69
N GLU G 57 -5.92 13.93 -29.62
CA GLU G 57 -4.85 14.89 -29.37
C GLU G 57 -4.70 15.77 -30.60
N GLY G 58 -5.00 17.06 -30.46
CA GLY G 58 -4.88 17.99 -31.57
C GLY G 58 -6.13 18.15 -32.39
N GLU G 59 -6.55 17.07 -33.05
CA GLU G 59 -7.73 17.08 -33.91
C GLU G 59 -8.67 15.96 -33.51
N ARG G 60 -9.96 16.16 -33.79
CA ARG G 60 -10.96 15.16 -33.44
C ARG G 60 -10.80 13.87 -34.24
N SER G 61 -10.10 13.91 -35.36
CA SER G 61 -9.84 12.71 -36.15
C SER G 61 -8.57 11.97 -35.74
N ASN G 62 -7.80 12.48 -34.78
CA ASN G 62 -6.57 11.84 -34.33
C ASN G 62 -6.77 11.34 -32.90
N ILE G 63 -7.30 10.12 -32.79
CA ILE G 63 -7.63 9.51 -31.50
C ILE G 63 -6.44 8.70 -31.00
N VAL G 64 -6.10 8.87 -29.73
CA VAL G 64 -4.96 8.18 -29.15
C VAL G 64 -5.35 7.24 -28.01
N ASP G 65 -6.53 7.39 -27.41
CA ASP G 65 -6.90 6.51 -26.31
C ASP G 65 -8.41 6.45 -26.17
N LEU G 66 -8.87 5.67 -25.20
CA LEU G 66 -10.28 5.52 -24.89
C LEU G 66 -10.49 5.85 -23.41
N LEU G 67 -11.61 6.51 -23.10
CA LEU G 67 -11.94 6.91 -21.74
C LEU G 67 -13.24 6.22 -21.35
N PHE G 68 -13.23 5.54 -20.20
CA PHE G 68 -14.41 4.84 -19.71
C PHE G 68 -15.03 5.65 -18.56
N VAL G 69 -16.35 5.86 -18.62
CA VAL G 69 -17.01 6.62 -17.58
C VAL G 69 -17.08 5.84 -16.29
N LYS G 70 -17.25 4.52 -16.36
CA LYS G 70 -17.29 3.71 -15.16
C LYS G 70 -15.98 3.79 -14.37
N ASP G 71 -14.87 4.03 -15.07
CA ASP G 71 -13.57 4.13 -14.42
C ASP G 71 -13.43 5.42 -13.62
N LEU G 72 -14.28 6.41 -13.89
CA LEU G 72 -14.31 7.71 -13.22
C LEU G 72 -15.52 7.87 -12.31
N ALA G 73 -16.09 6.78 -11.83
CA ALA G 73 -17.36 6.87 -11.10
C ALA G 73 -17.19 7.41 -9.68
N PHE G 74 -16.22 6.90 -8.93
CA PHE G 74 -16.00 7.37 -7.57
C PHE G 74 -14.97 8.50 -7.48
N VAL G 75 -14.50 9.01 -8.62
CA VAL G 75 -13.44 10.02 -8.57
C VAL G 75 -14.06 11.38 -8.32
N ASP G 76 -13.41 12.16 -7.48
CA ASP G 76 -13.69 13.54 -7.10
C ASP G 76 -12.67 14.45 -7.76
N PRO G 77 -13.04 15.70 -8.07
CA PRO G 77 -12.09 16.57 -8.76
C PRO G 77 -10.94 17.03 -7.87
N ASP G 78 -10.43 16.10 -7.05
CA ASP G 78 -9.30 16.36 -6.17
C ASP G 78 -8.03 16.13 -6.97
N ASP G 79 -7.02 16.98 -6.72
CA ASP G 79 -5.76 16.97 -7.46
C ASP G 79 -5.98 17.37 -8.91
N CYS G 80 -7.24 17.39 -9.38
CA CYS G 80 -7.57 17.74 -10.76
C CYS G 80 -6.76 16.87 -11.71
N THR G 81 -7.01 15.57 -11.61
CA THR G 81 -6.22 14.58 -12.34
C THR G 81 -6.26 14.89 -13.84
N PRO G 82 -5.12 14.98 -14.51
CA PRO G 82 -5.16 15.16 -15.96
C PRO G 82 -5.62 13.90 -16.66
N LEU G 83 -6.21 14.09 -17.84
CA LEU G 83 -6.70 12.94 -18.58
C LEU G 83 -5.54 12.05 -19.02
N LYS G 84 -4.37 12.65 -19.27
CA LYS G 84 -3.22 11.89 -19.74
C LYS G 84 -2.81 10.82 -18.73
N THR G 85 -2.94 11.15 -17.44
CA THR G 85 -2.65 10.15 -16.41
C THR G 85 -3.56 8.94 -16.57
N ILE G 86 -4.86 9.19 -16.69
CA ILE G 86 -5.84 8.09 -16.74
C ILE G 86 -5.59 7.24 -17.97
N THR G 87 -5.38 7.91 -19.12
CA THR G 87 -5.19 7.21 -20.39
C THR G 87 -3.90 6.41 -20.40
N LYS G 88 -2.80 7.02 -19.94
CA LYS G 88 -1.52 6.33 -19.93
C LYS G 88 -1.53 5.15 -18.98
N PHE G 89 -2.29 5.23 -17.90
CA PHE G 89 -2.38 4.10 -16.99
C PHE G 89 -3.16 2.96 -17.63
N TYR G 90 -4.38 3.25 -18.09
CA TYR G 90 -5.26 2.17 -18.54
C TYR G 90 -4.82 1.60 -19.87
N ASN G 91 -4.54 2.46 -20.86
CA ASN G 91 -4.06 2.02 -22.17
C ASN G 91 -5.02 0.99 -22.76
N HIS G 92 -6.29 1.38 -22.79
CA HIS G 92 -7.32 0.48 -23.28
C HIS G 92 -7.15 0.24 -24.76
N PRO G 93 -7.47 -0.95 -25.25
CA PRO G 93 -7.37 -1.17 -26.69
C PRO G 93 -8.41 -0.33 -27.41
N LEU G 94 -8.02 0.18 -28.58
CA LEU G 94 -8.87 1.02 -29.39
C LEU G 94 -9.12 0.29 -30.71
N HIS G 95 -10.40 0.11 -31.03
CA HIS G 95 -10.86 -0.70 -32.14
C HIS G 95 -11.05 0.15 -33.39
N PHE G 96 -10.43 -0.25 -34.49
CA PHE G 96 -10.60 0.43 -35.77
C PHE G 96 -11.17 -0.53 -36.80
N VAL G 97 -12.29 -0.14 -37.41
CA VAL G 97 -12.93 -0.95 -38.44
C VAL G 97 -13.30 -0.08 -39.62
N PHE G 98 -13.24 -0.66 -40.81
CA PHE G 98 -13.58 0.08 -42.03
C PHE G 98 -15.10 0.12 -42.21
N ASN G 99 -15.53 1.08 -43.03
CA ASN G 99 -16.96 1.28 -43.26
C ASN G 99 -17.60 0.08 -43.93
N ASP G 100 -16.84 -0.67 -44.74
CA ASP G 100 -17.42 -1.78 -45.48
C ASP G 100 -17.64 -3.02 -44.64
N THR G 101 -17.05 -3.11 -43.45
CA THR G 101 -17.28 -4.26 -42.59
C THR G 101 -18.75 -4.35 -42.21
N LYS G 102 -19.30 -5.56 -42.26
CA LYS G 102 -20.71 -5.78 -42.06
C LYS G 102 -21.03 -6.04 -40.59
N LEU G 103 -22.32 -5.98 -40.26
CA LEU G 103 -22.74 -6.15 -38.87
C LEU G 103 -22.30 -7.50 -38.31
N ASP G 104 -22.43 -8.57 -39.10
CA ASP G 104 -22.11 -9.90 -38.60
C ASP G 104 -20.62 -10.01 -38.25
N ALA G 105 -19.75 -9.51 -39.11
CA ALA G 105 -18.31 -9.56 -38.83
C ALA G 105 -17.94 -8.65 -37.66
N MET G 106 -18.48 -7.42 -37.65
CA MET G 106 -18.26 -6.52 -36.52
C MET G 106 -18.74 -7.13 -35.21
N LEU G 107 -19.89 -7.79 -35.26
CA LEU G 107 -20.47 -8.40 -34.08
C LEU G 107 -19.62 -9.59 -33.62
N GLU G 108 -19.08 -10.36 -34.57
CA GLU G 108 -18.14 -11.42 -34.20
C GLU G 108 -16.90 -10.84 -33.54
N GLU G 109 -16.45 -9.68 -34.01
CA GLU G 109 -15.31 -9.02 -33.38
C GLU G 109 -15.64 -8.56 -31.96
N PHE G 110 -16.90 -8.18 -31.72
CA PHE G 110 -17.31 -7.78 -30.37
C PHE G 110 -17.58 -8.95 -29.44
N LYS G 111 -17.78 -10.16 -29.98
CA LYS G 111 -18.27 -11.26 -29.13
C LYS G 111 -17.31 -11.58 -27.99
N LYS G 112 -16.01 -11.49 -28.24
CA LYS G 112 -15.03 -11.87 -27.22
C LYS G 112 -15.06 -10.96 -25.99
N GLY G 113 -15.67 -9.78 -26.11
CA GLY G 113 -15.72 -8.86 -24.98
C GLY G 113 -14.43 -8.14 -24.67
N LYS G 114 -13.42 -8.24 -25.52
CA LYS G 114 -12.18 -7.52 -25.28
C LYS G 114 -12.30 -6.03 -25.62
N SER G 115 -13.38 -5.63 -26.30
CA SER G 115 -13.64 -4.24 -26.63
C SER G 115 -15.14 -4.08 -26.80
N HIS G 116 -15.61 -2.84 -26.64
CA HIS G 116 -17.03 -2.53 -26.77
C HIS G 116 -17.33 -1.33 -27.65
N LEU G 117 -16.33 -0.55 -28.06
CA LEU G 117 -16.50 0.61 -28.91
C LEU G 117 -15.47 0.55 -30.03
N ALA G 118 -15.93 0.73 -31.26
CA ALA G 118 -15.04 0.75 -32.41
C ALA G 118 -15.17 2.09 -33.11
N ILE G 119 -14.14 2.44 -33.89
CA ILE G 119 -14.09 3.66 -34.68
C ILE G 119 -14.18 3.27 -36.15
N VAL G 120 -15.17 3.81 -36.85
CA VAL G 120 -15.33 3.57 -38.28
C VAL G 120 -14.41 4.53 -39.02
N GLN G 121 -13.45 3.97 -39.75
CA GLN G 121 -12.54 4.73 -40.58
C GLN G 121 -12.71 4.30 -42.03
N ARG G 122 -12.54 5.24 -42.95
CA ARG G 122 -12.70 5.00 -44.37
C ARG G 122 -11.42 5.32 -45.12
N VAL G 123 -11.15 4.54 -46.18
CA VAL G 123 -10.01 4.84 -47.05
C VAL G 123 -10.50 5.79 -48.15
N PHE G 132 -3.69 9.26 -44.42
CA PHE G 132 -4.25 8.41 -45.46
C PHE G 132 -5.44 7.60 -44.95
N TYR G 133 -5.47 7.36 -43.63
CA TYR G 133 -6.64 6.79 -42.98
C TYR G 133 -7.61 7.93 -42.71
N GLU G 134 -8.87 7.75 -43.06
CA GLU G 134 -9.87 8.79 -42.85
C GLU G 134 -10.90 8.28 -41.86
N VAL G 135 -11.08 9.02 -40.77
CA VAL G 135 -12.04 8.65 -39.74
C VAL G 135 -13.41 9.17 -40.14
N LEU G 136 -14.39 8.27 -40.20
CA LEU G 136 -15.75 8.65 -40.54
C LEU G 136 -16.63 8.85 -39.32
N GLY G 137 -16.45 8.01 -38.30
CA GLY G 137 -17.29 8.12 -37.12
C GLY G 137 -16.91 7.07 -36.11
N ILE G 138 -17.79 6.87 -35.13
CA ILE G 138 -17.62 5.77 -34.17
C ILE G 138 -18.92 4.98 -34.10
N VAL G 139 -18.78 3.70 -33.76
CA VAL G 139 -19.91 2.78 -33.63
C VAL G 139 -19.72 2.01 -32.34
N THR G 140 -20.84 1.64 -31.71
CA THR G 140 -20.78 0.92 -30.44
C THR G 140 -21.56 -0.37 -30.56
N LEU G 141 -21.27 -1.28 -29.63
CA LEU G 141 -22.06 -2.51 -29.50
C LEU G 141 -23.52 -2.18 -29.25
N GLU G 142 -23.78 -1.11 -28.51
CA GLU G 142 -25.14 -0.68 -28.22
C GLU G 142 -25.93 -0.41 -29.49
N ASP G 143 -25.31 0.25 -30.47
CA ASP G 143 -26.01 0.58 -31.72
C ASP G 143 -26.31 -0.66 -32.56
N VAL G 144 -25.34 -1.57 -32.68
CA VAL G 144 -25.55 -2.77 -33.48
C VAL G 144 -26.68 -3.60 -32.87
N ILE G 145 -26.69 -3.70 -31.54
CA ILE G 145 -27.74 -4.46 -30.86
C ILE G 145 -29.07 -3.73 -30.92
N GLU G 146 -29.05 -2.41 -30.84
CA GLU G 146 -30.31 -1.67 -30.98
C GLU G 146 -30.91 -1.90 -32.35
N GLU G 147 -30.07 -1.98 -33.37
CA GLU G 147 -30.57 -2.28 -34.71
C GLU G 147 -31.14 -3.69 -34.79
N ILE G 148 -30.44 -4.69 -34.22
CA ILE G 148 -30.98 -6.05 -34.34
C ILE G 148 -32.28 -6.17 -33.55
N ILE G 149 -32.40 -5.49 -32.41
CA ILE G 149 -33.65 -5.57 -31.65
C ILE G 149 -34.75 -4.78 -32.35
N LYS G 150 -34.42 -3.66 -33.00
CA LYS G 150 -35.46 -2.90 -33.70
C LYS G 150 -36.00 -3.68 -34.88
N SER G 151 -35.15 -4.44 -35.54
CA SER G 151 -35.59 -5.37 -36.57
C SER G 151 -36.15 -6.61 -35.88
N GLU G 152 -37.46 -6.80 -35.97
CA GLU G 152 -38.15 -7.85 -35.20
C GLU G 152 -37.55 -9.24 -35.38
N ILE G 153 -37.46 -9.96 -34.25
CA ILE G 153 -37.13 -11.38 -34.16
C ILE G 153 -38.03 -11.98 -33.08
N LEU G 154 -39.34 -11.71 -33.19
CA LEU G 154 -40.36 -12.14 -32.22
C LEU G 154 -40.05 -11.62 -30.83
N TYR H 3 -1.61 -16.50 -46.23
CA TYR H 3 -2.18 -15.80 -45.08
C TYR H 3 -1.75 -14.34 -45.00
N ASP H 4 -2.64 -13.51 -44.43
CA ASP H 4 -2.37 -12.10 -44.20
C ASP H 4 -1.75 -11.94 -42.82
N LEU H 5 -0.56 -11.32 -42.75
CA LEU H 5 0.18 -11.17 -41.51
C LEU H 5 0.49 -9.71 -41.27
N VAL H 6 0.74 -9.38 -39.99
CA VAL H 6 1.16 -8.05 -39.57
C VAL H 6 2.37 -8.20 -38.66
N CYS H 7 3.32 -7.27 -38.78
CA CYS H 7 4.55 -7.29 -38.00
C CYS H 7 4.68 -5.98 -37.22
N ILE H 8 4.88 -6.09 -35.90
CA ILE H 8 5.02 -4.93 -35.03
C ILE H 8 6.35 -5.05 -34.29
N GLY H 9 7.03 -3.91 -34.13
CA GLY H 9 8.32 -3.84 -33.45
C GLY H 9 8.69 -2.41 -33.15
N LEU H 10 9.73 -2.25 -32.34
CA LEU H 10 10.17 -0.91 -31.95
C LEU H 10 10.85 -0.22 -33.13
N THR H 11 11.34 1.01 -32.90
CA THR H 11 12.07 1.82 -33.87
C THR H 11 12.75 0.96 -34.94
N GLY H 12 13.19 -0.24 -34.52
CA GLY H 12 13.90 -1.13 -35.41
C GLY H 12 13.05 -1.56 -36.58
N SER H 13 11.77 -1.85 -36.32
CA SER H 13 10.78 -2.07 -37.36
C SER H 13 11.11 -1.29 -38.62
N GLY H 14 11.47 -0.01 -38.46
CA GLY H 14 11.88 0.78 -39.60
C GLY H 14 13.13 0.24 -40.24
N LYS H 15 14.14 -0.07 -39.43
CA LYS H 15 15.37 -0.68 -39.93
C LYS H 15 15.13 -2.15 -40.30
N THR H 16 14.41 -2.89 -39.43
CA THR H 16 14.10 -4.29 -39.68
C THR H 16 12.95 -4.48 -40.68
N SER H 17 12.48 -3.42 -41.35
CA SER H 17 11.45 -3.60 -42.36
C SER H 17 11.99 -4.35 -43.57
N LEU H 18 13.21 -4.01 -44.00
CA LEU H 18 13.83 -4.76 -45.09
C LEU H 18 14.17 -6.18 -44.67
N LEU H 19 14.60 -6.36 -43.41
CA LEU H 19 14.98 -7.67 -42.90
C LEU H 19 13.76 -8.56 -42.67
N PHE H 36 2.79 2.56 -43.00
CA PHE H 36 2.45 1.19 -43.36
C PHE H 36 3.48 0.62 -44.33
N SER H 37 3.63 -0.71 -44.31
CA SER H 37 4.56 -1.40 -45.21
C SER H 37 4.03 -2.81 -45.45
N ILE H 38 3.24 -2.97 -46.51
CA ILE H 38 2.67 -4.26 -46.87
C ILE H 38 3.50 -4.89 -47.98
N PHE H 43 9.26 -15.95 -49.46
CA PHE H 43 7.98 -16.36 -48.92
C PHE H 43 7.67 -17.81 -49.25
N GLN H 44 7.22 -18.56 -48.25
CA GLN H 44 6.80 -19.95 -48.47
C GLN H 44 5.60 -19.97 -49.42
N ASN H 45 5.27 -21.19 -49.89
CA ASN H 45 4.32 -21.33 -50.99
C ASN H 45 2.97 -20.71 -50.65
N ALA H 46 2.48 -20.92 -49.43
CA ALA H 46 1.21 -20.34 -49.03
C ALA H 46 1.30 -18.81 -49.07
N ILE H 47 0.18 -18.16 -49.43
CA ILE H 47 0.20 -16.71 -49.58
C ILE H 47 0.70 -16.07 -48.30
N LEU H 48 1.47 -15.00 -48.44
CA LEU H 48 2.08 -14.34 -47.28
C LEU H 48 2.16 -12.84 -47.57
N ASN H 49 1.13 -12.12 -47.12
CA ASN H 49 1.08 -10.66 -47.20
C ASN H 49 1.29 -10.12 -45.79
N VAL H 50 2.49 -9.61 -45.53
CA VAL H 50 2.89 -9.14 -44.21
C VAL H 50 2.89 -7.62 -44.23
N LYS H 51 1.95 -7.02 -43.50
CA LYS H 51 1.91 -5.56 -43.35
C LYS H 51 2.82 -5.17 -42.19
N GLU H 52 3.87 -4.42 -42.49
CA GLU H 52 4.83 -3.98 -41.47
C GLU H 52 4.48 -2.56 -41.05
N LEU H 53 4.19 -2.39 -39.76
CA LEU H 53 3.87 -1.07 -39.23
C LEU H 53 5.13 -0.39 -38.73
N GLY H 54 5.09 0.94 -38.70
CA GLY H 54 6.25 1.70 -38.27
C GLY H 54 6.52 1.51 -36.80
N GLY H 55 7.79 1.70 -36.43
CA GLY H 55 8.23 1.57 -35.06
C GLY H 55 8.49 2.87 -34.35
N ALA H 56 8.22 4.00 -34.98
CA ALA H 56 8.41 5.30 -34.35
C ALA H 56 7.41 5.49 -33.21
N ASP H 57 7.78 6.36 -32.28
CA ASP H 57 6.95 6.56 -31.09
C ASP H 57 5.56 7.07 -31.46
N ASN H 58 5.48 8.01 -32.40
CA ASN H 58 4.18 8.53 -32.82
C ASN H 58 3.34 7.47 -33.51
N ILE H 59 3.98 6.64 -34.35
CA ILE H 59 3.25 5.63 -35.11
C ILE H 59 2.80 4.47 -34.24
N ARG H 60 3.43 4.24 -33.09
CA ARG H 60 3.02 3.15 -32.21
C ARG H 60 1.59 3.32 -31.73
N LYS H 61 1.16 4.56 -31.48
CA LYS H 61 -0.23 4.79 -31.09
C LYS H 61 -1.20 4.45 -32.22
N TYR H 62 -0.77 4.61 -33.47
CA TYR H 62 -1.62 4.35 -34.62
C TYR H 62 -1.51 2.92 -35.13
N TRP H 63 -0.69 2.09 -34.47
CA TRP H 63 -0.57 0.68 -34.85
C TRP H 63 -1.92 0.00 -34.97
N SER H 64 -2.76 0.17 -33.95
CA SER H 64 -4.03 -0.53 -33.85
C SER H 64 -5.03 -0.12 -34.92
N ARG H 65 -4.71 0.89 -35.74
CA ARG H 65 -5.62 1.28 -36.80
C ARG H 65 -5.57 0.30 -37.97
N TYR H 66 -4.54 -0.55 -38.03
CA TYR H 66 -4.32 -1.44 -39.16
C TYR H 66 -4.52 -2.91 -38.83
N TYR H 67 -4.76 -3.26 -37.56
CA TYR H 67 -4.75 -4.67 -37.16
C TYR H 67 -5.87 -5.48 -37.81
N GLN H 68 -6.88 -4.83 -38.37
CA GLN H 68 -8.04 -5.57 -38.87
C GLN H 68 -7.68 -6.43 -40.07
N GLY H 69 -8.31 -7.59 -40.16
CA GLY H 69 -8.06 -8.54 -41.22
C GLY H 69 -6.67 -9.14 -41.15
N SER H 70 -6.26 -9.63 -39.98
CA SER H 70 -4.98 -10.29 -39.77
C SER H 70 -5.22 -11.71 -39.26
N GLN H 71 -4.34 -12.62 -39.65
CA GLN H 71 -4.43 -13.99 -39.19
C GLN H 71 -3.24 -14.39 -38.34
N GLY H 72 -2.28 -13.50 -38.14
CA GLY H 72 -1.14 -13.78 -37.30
C GLY H 72 -0.28 -12.53 -37.18
N VAL H 73 0.50 -12.50 -36.11
CA VAL H 73 1.37 -11.36 -35.83
C VAL H 73 2.79 -11.86 -35.63
N ILE H 74 3.75 -11.04 -36.03
CA ILE H 74 5.18 -11.30 -35.84
C ILE H 74 5.74 -10.14 -35.04
N PHE H 75 5.98 -10.36 -33.75
CA PHE H 75 6.51 -9.33 -32.87
C PHE H 75 8.03 -9.44 -32.82
N VAL H 76 8.71 -8.33 -33.08
CA VAL H 76 10.17 -8.28 -33.11
C VAL H 76 10.65 -7.44 -31.94
N LEU H 77 11.65 -7.95 -31.22
CA LEU H 77 12.26 -7.21 -30.12
C LEU H 77 13.79 -7.28 -30.20
N SER H 79 16.75 -7.46 -28.26
CA SER H 79 17.57 -7.90 -27.14
C SER H 79 18.70 -6.92 -26.87
N ALA H 80 19.07 -6.15 -27.89
CA ALA H 80 20.16 -5.20 -27.73
C ALA H 80 19.73 -3.90 -27.05
N SER H 81 18.44 -3.64 -26.95
CA SER H 81 17.98 -2.37 -26.40
C SER H 81 18.23 -2.32 -24.88
N SER H 82 18.15 -1.09 -24.35
CA SER H 82 18.32 -0.84 -22.92
C SER H 82 17.07 -1.30 -22.17
N GLU H 83 17.18 -1.35 -20.84
CA GLU H 83 16.06 -1.80 -20.02
C GLU H 83 14.84 -0.91 -20.23
N ASP H 84 15.05 0.40 -20.42
CA ASP H 84 13.94 1.29 -20.71
C ASP H 84 13.38 1.04 -22.12
N ASP H 85 14.27 0.93 -23.10
CA ASP H 85 13.84 0.67 -24.47
C ASP H 85 13.20 -0.72 -24.61
N LEU H 86 13.78 -1.72 -23.93
CA LEU H 86 13.19 -3.05 -23.91
C LEU H 86 11.88 -3.08 -23.13
N GLU H 87 11.78 -2.26 -22.08
CA GLU H 87 10.55 -2.19 -21.31
C GLU H 87 9.40 -1.68 -22.16
N ALA H 88 9.68 -0.71 -23.03
CA ALA H 88 8.64 -0.26 -23.96
C ALA H 88 8.17 -1.43 -24.83
N ALA H 89 9.10 -2.27 -25.27
CA ALA H 89 8.74 -3.43 -26.09
C ALA H 89 7.90 -4.43 -25.29
N ARG H 90 8.25 -4.64 -24.02
CA ARG H 90 7.48 -5.58 -23.20
C ARG H 90 6.04 -5.07 -23.04
N ASN H 91 5.89 -3.78 -22.74
CA ASN H 91 4.56 -3.21 -22.59
C ASN H 91 3.79 -3.29 -23.91
N GLU H 92 4.46 -3.03 -25.03
CA GLU H 92 3.79 -3.06 -26.31
C GLU H 92 3.33 -4.47 -26.68
N LEU H 93 4.16 -5.47 -26.44
CA LEU H 93 3.75 -6.85 -26.70
C LEU H 93 2.56 -7.22 -25.83
N HIS H 94 2.58 -6.82 -24.56
CA HIS H 94 1.46 -7.14 -23.68
C HIS H 94 0.18 -6.44 -24.12
N SER H 95 0.31 -5.20 -24.61
CA SER H 95 -0.86 -4.49 -25.14
C SER H 95 -1.40 -5.20 -26.37
N ALA H 96 -0.51 -5.74 -27.22
CA ALA H 96 -0.96 -6.45 -28.41
C ALA H 96 -1.64 -7.76 -28.06
N LEU H 97 -1.19 -8.43 -27.00
CA LEU H 97 -1.77 -9.72 -26.63
C LEU H 97 -3.24 -9.58 -26.24
N GLN H 98 -3.62 -8.48 -25.60
CA GLN H 98 -4.99 -8.26 -25.14
C GLN H 98 -5.81 -7.44 -26.13
N HIS H 99 -5.29 -7.18 -27.31
CA HIS H 99 -6.04 -6.46 -28.33
C HIS H 99 -7.14 -7.37 -28.89
N PRO H 100 -8.37 -6.88 -29.02
CA PRO H 100 -9.45 -7.78 -29.46
C PRO H 100 -9.24 -8.36 -30.85
N GLN H 101 -8.65 -7.60 -31.76
CA GLN H 101 -8.38 -8.07 -33.11
C GLN H 101 -7.19 -9.03 -33.17
N LEU H 102 -6.37 -9.09 -32.12
CA LEU H 102 -5.17 -9.91 -32.12
C LEU H 102 -5.14 -11.00 -31.05
N CYS H 103 -6.08 -10.97 -30.10
CA CYS H 103 -6.05 -11.95 -29.00
C CYS H 103 -6.35 -13.36 -29.50
N THR H 104 -7.17 -13.49 -30.53
CA THR H 104 -7.52 -14.81 -31.06
C THR H 104 -6.48 -15.33 -32.05
N LEU H 105 -5.48 -14.54 -32.37
CA LEU H 105 -4.50 -14.86 -33.38
C LEU H 105 -3.25 -15.50 -32.78
N PRO H 106 -2.51 -16.27 -33.58
CA PRO H 106 -1.22 -16.78 -33.11
C PRO H 106 -0.12 -15.73 -33.19
N PHE H 107 0.87 -15.87 -32.30
CA PHE H 107 1.92 -14.88 -32.11
C PHE H 107 3.29 -15.53 -32.26
N LEU H 108 4.15 -14.84 -32.99
CA LEU H 108 5.54 -15.24 -33.16
C LEU H 108 6.38 -14.18 -32.46
N ILE H 109 7.19 -14.61 -31.49
CA ILE H 109 8.02 -13.70 -30.72
C ILE H 109 9.47 -14.08 -31.00
N LEU H 110 10.23 -13.12 -31.55
CA LEU H 110 11.59 -13.37 -31.97
C LEU H 110 12.53 -12.47 -31.18
N ALA H 111 13.57 -13.08 -30.59
CA ALA H 111 14.62 -12.35 -29.88
C ALA H 111 15.70 -12.00 -30.89
N ASN H 112 15.55 -10.86 -31.55
CA ASN H 112 16.47 -10.45 -32.60
C ASN H 112 17.83 -10.07 -32.01
N HIS H 113 18.79 -9.88 -32.91
CA HIS H 113 20.16 -9.53 -32.55
C HIS H 113 20.77 -10.56 -31.60
N SER H 121 19.08 -14.12 -23.71
CA SER H 121 18.60 -15.42 -23.22
C SER H 121 17.09 -15.53 -23.34
N VAL H 122 16.62 -16.56 -24.03
CA VAL H 122 15.18 -16.76 -24.20
C VAL H 122 14.51 -16.99 -22.85
N GLN H 123 15.20 -17.70 -21.94
CA GLN H 123 14.64 -17.91 -20.61
C GLN H 123 14.54 -16.61 -19.83
N GLU H 124 15.55 -15.75 -19.95
CA GLU H 124 15.50 -14.45 -19.28
C GLU H 124 14.39 -13.58 -19.87
N ILE H 125 14.23 -13.62 -21.20
CA ILE H 125 13.16 -12.86 -21.84
C ILE H 125 11.80 -13.35 -21.37
N LYS H 126 11.65 -14.68 -21.24
CA LYS H 126 10.38 -15.23 -20.75
C LYS H 126 10.13 -14.84 -19.30
N LYS H 127 11.17 -14.84 -18.47
CA LYS H 127 11.00 -14.53 -17.05
C LYS H 127 10.68 -13.05 -16.85
N TYR H 128 11.32 -12.17 -17.61
CA TYR H 128 11.09 -10.74 -17.44
C TYR H 128 9.82 -10.30 -18.16
N PHE H 129 9.44 -10.98 -19.23
CA PHE H 129 8.24 -10.67 -19.97
C PHE H 129 6.98 -11.27 -19.35
N GLU H 130 7.12 -12.16 -18.38
CA GLU H 130 5.96 -12.81 -17.75
C GLU H 130 5.07 -13.45 -18.80
N LEU H 131 5.69 -14.01 -19.83
CA LEU H 131 4.96 -14.71 -20.89
C LEU H 131 4.62 -16.15 -20.53
N GLU H 132 5.18 -16.69 -19.44
CA GLU H 132 4.84 -18.06 -19.04
C GLU H 132 3.42 -18.16 -18.49
N PRO H 133 2.98 -17.31 -17.55
CA PRO H 133 1.58 -17.46 -17.10
C PRO H 133 0.57 -17.03 -18.16
N LEU H 134 0.84 -15.95 -18.90
CA LEU H 134 -0.15 -15.44 -19.84
C LEU H 134 -0.29 -16.35 -21.07
N ALA H 135 0.84 -16.73 -21.67
CA ALA H 135 0.82 -17.51 -22.91
C ALA H 135 0.61 -18.99 -22.61
N ARG H 136 -0.59 -19.29 -22.12
CA ARG H 136 -1.03 -20.66 -21.89
C ARG H 136 -2.34 -20.83 -22.63
N GLY H 137 -2.46 -21.93 -23.37
CA GLY H 137 -3.67 -22.16 -24.14
C GLY H 137 -3.75 -21.37 -25.43
N LYS H 138 -2.72 -20.60 -25.76
CA LYS H 138 -2.70 -19.78 -26.96
C LYS H 138 -1.55 -20.19 -27.86
N ARG H 139 -1.70 -19.88 -29.15
CA ARG H 139 -0.69 -20.20 -30.16
C ARG H 139 0.40 -19.12 -30.12
N TRP H 140 1.25 -19.21 -29.10
CA TRP H 140 2.38 -18.31 -28.98
C TRP H 140 3.67 -19.12 -28.93
N ILE H 141 4.69 -18.64 -29.63
CA ILE H 141 5.96 -19.34 -29.72
C ILE H 141 7.09 -18.32 -29.63
N LEU H 142 8.03 -18.56 -28.72
CA LEU H 142 9.22 -17.74 -28.56
C LEU H 142 10.42 -18.55 -29.06
N GLN H 143 10.99 -18.12 -30.18
CA GLN H 143 12.11 -18.82 -30.80
C GLN H 143 13.25 -17.85 -31.05
N PRO H 144 14.49 -18.30 -30.94
CA PRO H 144 15.62 -17.41 -31.19
C PRO H 144 15.84 -17.17 -32.67
N CYS H 145 16.36 -15.98 -32.98
CA CYS H 145 16.65 -15.59 -34.34
C CYS H 145 17.80 -14.60 -34.34
N SER H 146 18.62 -14.67 -35.38
CA SER H 146 19.75 -13.76 -35.55
C SER H 146 19.86 -13.39 -37.02
N LEU H 147 19.97 -12.09 -37.28
CA LEU H 147 20.04 -11.59 -38.65
C LEU H 147 21.40 -11.85 -39.28
N MET H 150 19.36 -18.47 -40.74
CA MET H 150 18.25 -18.67 -41.68
C MET H 150 17.28 -19.77 -41.30
N ASP H 151 17.82 -20.93 -40.90
CA ASP H 151 16.99 -22.11 -40.66
C ASP H 151 16.16 -21.99 -39.39
N ALA H 152 16.68 -21.33 -38.35
CA ALA H 152 15.88 -21.19 -37.14
C ALA H 152 14.60 -20.39 -37.43
N LEU H 153 14.70 -19.38 -38.28
CA LEU H 153 13.51 -18.67 -38.74
C LEU H 153 12.59 -19.60 -39.53
N LYS H 154 13.16 -20.50 -40.33
CA LYS H 154 12.33 -21.43 -41.09
C LYS H 154 11.56 -22.37 -40.15
N ASP H 155 12.22 -22.87 -39.11
CA ASP H 155 11.54 -23.77 -38.18
C ASP H 155 10.49 -23.01 -37.36
N SER H 156 10.82 -21.80 -36.90
CA SER H 156 9.86 -21.01 -36.13
C SER H 156 8.65 -20.62 -36.98
N PHE H 157 8.88 -20.20 -38.22
CA PHE H 157 7.79 -19.89 -39.13
C PHE H 157 7.00 -21.13 -39.50
N SER H 158 7.67 -22.29 -39.56
CA SER H 158 6.96 -23.54 -39.80
C SER H 158 6.05 -23.88 -38.62
N GLN H 159 6.52 -23.66 -37.39
CA GLN H 159 5.65 -23.84 -36.24
C GLN H 159 4.49 -22.86 -36.28
N LEU H 160 4.76 -21.62 -36.70
CA LEU H 160 3.70 -20.62 -36.82
C LEU H 160 2.67 -21.05 -37.86
N ILE H 161 3.13 -21.61 -38.98
CA ILE H 161 2.20 -22.10 -40.00
C ILE H 161 1.44 -23.31 -39.50
N ASN H 162 2.09 -24.15 -38.68
CA ASN H 162 1.39 -25.29 -38.08
C ASN H 162 0.30 -24.83 -37.14
N LEU H 163 0.56 -23.78 -36.36
CA LEU H 163 -0.48 -23.23 -35.49
C LEU H 163 -1.58 -22.55 -36.29
N LEU H 164 -1.21 -21.83 -37.35
CA LEU H 164 -2.20 -21.20 -38.22
C LEU H 164 -3.09 -22.23 -38.88
N GLU H 165 -2.53 -23.39 -39.23
CA GLU H 165 -3.34 -24.52 -39.67
C GLU H 165 -4.16 -25.09 -38.53
N GLU H 166 -3.63 -25.06 -37.31
CA GLU H 166 -4.42 -25.48 -36.16
C GLU H 166 -5.55 -24.50 -35.85
N LYS H 167 -5.43 -23.26 -36.31
CA LYS H 167 -6.50 -22.29 -36.11
C LYS H 167 -7.52 -22.35 -37.25
#